data_3QLT
#
_entry.id   3QLT
#
_cell.length_a   191.805
_cell.length_b   191.805
_cell.length_c   47.009
_cell.angle_alpha   90.00
_cell.angle_beta   90.00
_cell.angle_gamma   90.00
#
_symmetry.space_group_name_H-M   'I 4'
#
loop_
_entity.id
_entity.type
_entity.pdbx_description
1 polymer 'Glutamate receptor, ionotropic kainate 2'
2 non-polymer 2-acetamido-2-deoxy-beta-D-glucopyranose
#
_entity_poly.entity_id   1
_entity_poly.type   'polypeptide(L)'
_entity_poly.pdbx_seq_one_letter_code
;TTHVLRFGGIFEYVESGPMGAEELAFRFAVNTINRNRTLLPNTTLTYDTQKINLYDSFEASKKACDQLSLGVAAIFGPSH
SSSANAVQSICNALGVPHIQTRWKHQVSDNKDSFYVSLYPDFSSLSRAILDLVQFFKWKTVTVVYDDSTGLIRLQELIKA
PSRYNLRLKIRQLPADTKDAKPLLKEMKRGKEFHVIFDCSHEMAAGILKQALNMSMMTEYYHYIFTTLDLFALDVEPYRY
SGVNMTGFRILNTENTQVSSIIEKWSMERLQAPPKPDSGLLDGFMTTDAALMYDAVHVVSVAVQQFPQMTVSSLQCNRHK
PWRFGTRFMSLIKEAHWEGLTGRITFNKTNGLRTDFDLDVISLKEEGLEKIGTWDPASGLNMTESQKGKLELVPR
;
_entity_poly.pdbx_strand_id   A,B
#
loop_
_chem_comp.id
_chem_comp.type
_chem_comp.name
_chem_comp.formula
NAG D-saccharide, beta linking 2-acetamido-2-deoxy-beta-D-glucopyranose 'C8 H15 N O6'
#
# COMPACT_ATOMS: atom_id res chain seq x y z
N VAL A 4 13.27 -27.43 -24.93
CA VAL A 4 12.10 -26.61 -25.20
C VAL A 4 11.23 -26.47 -23.96
N LEU A 5 11.01 -25.23 -23.53
CA LEU A 5 10.22 -24.95 -22.33
C LEU A 5 9.30 -23.76 -22.52
N ARG A 6 8.33 -23.61 -21.62
CA ARG A 6 7.30 -22.57 -21.74
C ARG A 6 7.39 -21.53 -20.63
N PHE A 7 6.95 -20.32 -20.94
CA PHE A 7 6.88 -19.23 -19.96
C PHE A 7 5.44 -18.81 -19.75
N GLY A 8 5.20 -18.02 -18.71
CA GLY A 8 3.86 -17.53 -18.41
C GLY A 8 3.79 -16.01 -18.53
N GLY A 9 2.58 -15.49 -18.67
CA GLY A 9 2.39 -14.06 -18.79
C GLY A 9 0.96 -13.66 -18.50
N ILE A 10 0.79 -12.55 -17.78
CA ILE A 10 -0.53 -12.04 -17.44
C ILE A 10 -0.58 -10.53 -17.69
N PHE A 11 -1.56 -10.10 -18.49
CA PHE A 11 -1.65 -8.70 -18.89
C PHE A 11 -3.10 -8.22 -18.86
N GLU A 12 -3.31 -6.91 -18.95
CA GLU A 12 -4.65 -6.33 -18.96
C GLU A 12 -5.46 -6.86 -20.14
N TYR A 13 -6.78 -6.77 -20.03
CA TYR A 13 -7.67 -7.19 -21.10
C TYR A 13 -8.31 -5.98 -21.75
N VAL A 14 -8.40 -5.99 -23.08
CA VAL A 14 -9.02 -4.91 -23.82
C VAL A 14 -9.67 -5.44 -25.08
N PRO A 18 -7.21 -3.82 -29.77
CA PRO A 18 -5.91 -3.24 -29.42
C PRO A 18 -5.18 -4.08 -28.37
N MET A 19 -3.85 -4.07 -28.41
CA MET A 19 -3.05 -4.91 -27.54
C MET A 19 -2.15 -4.08 -26.61
N GLY A 20 -1.58 -4.73 -25.60
CA GLY A 20 -0.73 -4.06 -24.63
C GLY A 20 0.71 -3.96 -25.07
N ALA A 21 1.44 -3.01 -24.51
CA ALA A 21 2.84 -2.76 -24.88
C ALA A 21 3.79 -3.73 -24.20
N GLU A 22 3.45 -4.14 -22.98
CA GLU A 22 4.25 -5.10 -22.24
C GLU A 22 4.08 -6.49 -22.82
N GLU A 23 2.87 -6.79 -23.27
CA GLU A 23 2.58 -8.09 -23.86
C GLU A 23 3.38 -8.27 -25.15
N LEU A 24 3.48 -7.21 -25.94
CA LEU A 24 4.23 -7.24 -27.19
C LEU A 24 5.73 -7.30 -26.93
N ALA A 25 6.17 -6.64 -25.87
CA ALA A 25 7.58 -6.65 -25.49
C ALA A 25 7.96 -8.03 -25.01
N PHE A 26 6.97 -8.77 -24.52
CA PHE A 26 7.21 -10.11 -24.02
C PHE A 26 7.35 -11.08 -25.19
N ARG A 27 6.35 -11.07 -26.08
CA ARG A 27 6.36 -11.93 -27.25
C ARG A 27 7.58 -11.61 -28.10
N PHE A 28 7.72 -10.34 -28.47
CA PHE A 28 8.86 -9.84 -29.22
C PHE A 28 10.18 -10.28 -28.60
N ALA A 29 10.23 -10.34 -27.27
CA ALA A 29 11.45 -10.72 -26.56
C ALA A 29 11.81 -12.20 -26.76
N VAL A 30 10.83 -13.09 -26.61
CA VAL A 30 11.08 -14.52 -26.74
C VAL A 30 11.35 -14.92 -28.20
N ASN A 31 10.84 -14.11 -29.14
CA ASN A 31 11.04 -14.38 -30.56
C ASN A 31 12.44 -13.99 -31.02
N THR A 32 13.00 -12.95 -30.39
CA THR A 32 14.38 -12.54 -30.67
C THR A 32 15.38 -13.40 -29.89
N ILE A 33 14.88 -14.08 -28.85
CA ILE A 33 15.70 -15.06 -28.13
C ILE A 33 15.80 -16.34 -28.96
N ASN A 34 14.72 -16.65 -29.68
CA ASN A 34 14.68 -17.80 -30.57
C ASN A 34 15.61 -17.61 -31.75
N ARG A 35 15.46 -16.48 -32.43
CA ARG A 35 16.30 -16.14 -33.58
C ARG A 35 17.77 -16.10 -33.18
N ASN A 36 18.09 -15.26 -32.19
CA ASN A 36 19.48 -15.07 -31.75
C ASN A 36 20.13 -16.40 -31.39
N ARG A 37 21.21 -16.72 -32.09
CA ARG A 37 21.94 -17.97 -31.89
C ARG A 37 22.48 -18.12 -30.47
N THR A 38 23.19 -17.08 -30.02
CA THR A 38 23.88 -17.11 -28.73
C THR A 38 23.02 -17.70 -27.62
N LEU A 39 21.74 -17.36 -27.63
CA LEU A 39 20.82 -17.84 -26.60
C LEU A 39 19.96 -19.00 -27.10
N LEU A 40 19.91 -20.07 -26.30
CA LEU A 40 19.15 -21.27 -26.65
C LEU A 40 19.67 -21.90 -27.94
N PRO A 41 20.96 -22.28 -27.95
CA PRO A 41 21.51 -23.00 -29.11
C PRO A 41 20.98 -24.42 -29.18
N ASN A 42 20.31 -24.86 -28.12
CA ASN A 42 19.75 -26.21 -28.06
C ASN A 42 18.35 -26.20 -27.45
N THR A 43 17.69 -25.05 -27.51
CA THR A 43 16.42 -24.86 -26.80
C THR A 43 15.50 -23.87 -27.54
N THR A 44 14.21 -23.92 -27.22
CA THR A 44 13.22 -23.07 -27.87
C THR A 44 12.19 -22.53 -26.88
N LEU A 45 11.95 -21.22 -26.92
CA LEU A 45 10.97 -20.59 -26.03
C LEU A 45 9.57 -20.54 -26.63
N THR A 46 8.64 -21.19 -25.95
CA THR A 46 7.21 -21.03 -26.22
C THR A 46 6.62 -20.32 -25.01
N TYR A 47 5.39 -19.81 -25.14
CA TYR A 47 4.78 -19.07 -24.04
C TYR A 47 3.26 -19.21 -23.99
N ASP A 48 2.68 -18.80 -22.86
CA ASP A 48 1.23 -18.83 -22.66
C ASP A 48 0.76 -17.50 -22.11
N THR A 49 -0.08 -16.81 -22.89
CA THR A 49 -0.57 -15.50 -22.50
C THR A 49 -1.97 -15.59 -21.90
N GLN A 50 -2.20 -14.82 -20.83
CA GLN A 50 -3.50 -14.76 -20.18
C GLN A 50 -3.91 -13.30 -20.01
N LYS A 51 -5.13 -12.97 -20.42
CA LYS A 51 -5.62 -11.60 -20.33
C LYS A 51 -6.64 -11.46 -19.22
N ILE A 52 -6.21 -10.88 -18.10
CA ILE A 52 -7.07 -10.71 -16.94
C ILE A 52 -7.42 -9.25 -16.72
N ASN A 53 -8.59 -9.02 -16.12
CA ASN A 53 -8.94 -7.69 -15.67
C ASN A 53 -8.06 -7.39 -14.46
N LEU A 54 -7.25 -6.35 -14.56
CA LEU A 54 -6.34 -6.00 -13.48
C LEU A 54 -7.13 -5.74 -12.20
N TYR A 55 -6.43 -5.48 -11.11
CA TYR A 55 -7.04 -5.29 -9.79
C TYR A 55 -8.13 -6.34 -9.53
N ASP A 56 -7.87 -7.56 -9.96
CA ASP A 56 -8.75 -8.69 -9.68
C ASP A 56 -7.89 -9.85 -9.21
N SER A 57 -7.67 -9.93 -7.91
CA SER A 57 -6.80 -10.95 -7.32
C SER A 57 -7.28 -12.35 -7.69
N PHE A 58 -8.60 -12.54 -7.69
CA PHE A 58 -9.19 -13.86 -7.91
C PHE A 58 -8.89 -14.39 -9.31
N GLU A 59 -9.28 -13.63 -10.33
CA GLU A 59 -9.05 -14.03 -11.71
C GLU A 59 -7.57 -14.21 -12.02
N ALA A 60 -6.72 -13.44 -11.35
CA ALA A 60 -5.28 -13.52 -11.57
C ALA A 60 -4.72 -14.80 -10.97
N SER A 61 -5.31 -15.23 -9.86
CA SER A 61 -4.87 -16.44 -9.17
C SER A 61 -5.29 -17.67 -9.96
N LYS A 62 -6.48 -17.62 -10.55
CA LYS A 62 -7.00 -18.75 -11.31
C LYS A 62 -6.22 -18.92 -12.61
N LYS A 63 -6.09 -17.82 -13.35
CA LYS A 63 -5.32 -17.81 -14.59
C LYS A 63 -3.88 -18.22 -14.33
N ALA A 64 -3.39 -17.94 -13.13
CA ALA A 64 -2.04 -18.31 -12.74
C ALA A 64 -1.94 -19.82 -12.53
N CYS A 65 -2.94 -20.39 -11.86
CA CYS A 65 -2.97 -21.81 -11.57
C CYS A 65 -3.18 -22.63 -12.85
N ASP A 66 -3.79 -22.02 -13.85
CA ASP A 66 -4.00 -22.67 -15.13
C ASP A 66 -2.69 -22.73 -15.90
N GLN A 67 -1.85 -21.71 -15.71
CA GLN A 67 -0.53 -21.69 -16.31
C GLN A 67 0.44 -22.60 -15.56
N LEU A 68 0.11 -22.89 -14.31
CA LEU A 68 0.96 -23.75 -13.49
C LEU A 68 0.71 -25.21 -13.84
N SER A 69 -0.56 -25.58 -13.98
CA SER A 69 -0.93 -26.93 -14.36
C SER A 69 -0.51 -27.19 -15.80
N LEU A 70 -0.55 -26.15 -16.63
CA LEU A 70 -0.10 -26.24 -18.01
C LEU A 70 1.38 -26.61 -18.04
N GLY A 71 2.16 -26.02 -17.14
CA GLY A 71 3.56 -26.33 -17.02
C GLY A 71 4.47 -25.22 -17.52
N VAL A 72 4.75 -24.26 -16.63
CA VAL A 72 5.65 -23.17 -16.97
C VAL A 72 6.87 -23.18 -16.05
N ALA A 73 7.94 -22.54 -16.48
CA ALA A 73 9.17 -22.48 -15.70
C ALA A 73 9.22 -21.18 -14.89
N ALA A 74 8.37 -20.23 -15.27
CA ALA A 74 8.29 -18.94 -14.58
C ALA A 74 7.07 -18.17 -15.08
N ILE A 75 6.45 -17.42 -14.18
CA ILE A 75 5.30 -16.60 -14.55
C ILE A 75 5.68 -15.12 -14.49
N PHE A 76 5.41 -14.40 -15.57
CA PHE A 76 5.61 -12.96 -15.60
C PHE A 76 4.31 -12.27 -15.21
N GLY A 77 4.05 -12.22 -13.91
CA GLY A 77 2.76 -11.81 -13.38
C GLY A 77 2.28 -10.45 -13.83
N PRO A 78 1.12 -10.03 -13.32
CA PRO A 78 0.45 -8.78 -13.67
C PRO A 78 1.22 -7.55 -13.18
N SER A 79 0.82 -6.38 -13.67
CA SER A 79 1.47 -5.14 -13.31
C SER A 79 0.57 -4.32 -12.37
N HIS A 80 0.22 -4.92 -11.24
CA HIS A 80 -0.65 -4.26 -10.28
C HIS A 80 -0.31 -4.75 -8.88
N SER A 81 -0.75 -4.00 -7.87
CA SER A 81 -0.46 -4.35 -6.50
C SER A 81 -1.11 -5.69 -6.15
N SER A 82 -2.44 -5.68 -6.06
CA SER A 82 -3.20 -6.87 -5.64
C SER A 82 -2.92 -8.09 -6.52
N SER A 83 -3.04 -7.91 -7.82
CA SER A 83 -2.84 -9.00 -8.78
C SER A 83 -1.47 -9.63 -8.63
N ALA A 84 -0.44 -8.79 -8.50
CA ALA A 84 0.95 -9.26 -8.42
C ALA A 84 1.25 -9.94 -7.09
N ASN A 85 0.60 -9.49 -6.02
CA ASN A 85 0.78 -10.08 -4.70
C ASN A 85 0.17 -11.47 -4.64
N ALA A 86 -0.90 -11.67 -5.38
CA ALA A 86 -1.57 -12.96 -5.42
C ALA A 86 -0.69 -13.98 -6.15
N VAL A 87 -0.29 -13.64 -7.37
CA VAL A 87 0.55 -14.53 -8.17
C VAL A 87 1.94 -14.67 -7.55
N GLN A 88 2.29 -13.75 -6.67
CA GLN A 88 3.59 -13.81 -6.00
C GLN A 88 3.53 -14.84 -4.88
N SER A 89 2.36 -14.95 -4.25
CA SER A 89 2.14 -15.89 -3.15
C SER A 89 1.96 -17.30 -3.68
N ILE A 90 1.26 -17.42 -4.81
CA ILE A 90 1.05 -18.70 -5.46
C ILE A 90 2.38 -19.22 -6.00
N CYS A 91 3.20 -18.31 -6.52
CA CYS A 91 4.50 -18.67 -7.05
C CYS A 91 5.44 -19.11 -5.93
N ASN A 92 5.33 -18.46 -4.79
CA ASN A 92 6.18 -18.79 -3.65
C ASN A 92 5.79 -20.13 -3.05
N ALA A 93 4.51 -20.45 -3.12
CA ALA A 93 3.99 -21.70 -2.57
C ALA A 93 4.42 -22.89 -3.41
N LEU A 94 4.13 -22.82 -4.71
CA LEU A 94 4.44 -23.92 -5.62
C LEU A 94 5.87 -23.84 -6.15
N GLY A 95 6.65 -22.92 -5.59
CA GLY A 95 8.07 -22.84 -5.88
C GLY A 95 8.44 -22.49 -7.30
N VAL A 96 7.55 -21.81 -8.01
CA VAL A 96 7.84 -21.35 -9.37
C VAL A 96 8.17 -19.86 -9.38
N PRO A 97 9.32 -19.49 -9.97
CA PRO A 97 9.79 -18.10 -9.98
C PRO A 97 8.78 -17.08 -10.51
N HIS A 98 8.67 -15.94 -9.83
CA HIS A 98 7.75 -14.88 -10.23
C HIS A 98 8.54 -13.67 -10.74
N ILE A 99 8.18 -13.16 -11.91
CA ILE A 99 8.92 -12.07 -12.53
C ILE A 99 8.10 -10.80 -12.63
N GLN A 100 8.31 -9.90 -11.67
CA GLN A 100 7.61 -8.62 -11.65
C GLN A 100 8.42 -7.58 -12.42
N THR A 101 7.73 -6.71 -13.14
CA THR A 101 8.39 -5.68 -13.95
C THR A 101 8.04 -4.28 -13.44
N ARG A 102 7.21 -4.22 -12.41
CA ARG A 102 6.81 -2.94 -11.83
C ARG A 102 7.05 -2.89 -10.33
N TRP A 103 6.86 -1.71 -9.75
CA TRP A 103 6.98 -1.54 -8.31
C TRP A 103 5.65 -1.85 -7.66
N LYS A 104 5.68 -2.70 -6.64
CA LYS A 104 4.51 -2.92 -5.80
C LYS A 104 4.92 -2.76 -4.34
N HIS A 105 3.98 -2.32 -3.50
CA HIS A 105 4.26 -2.15 -2.08
C HIS A 105 4.66 -3.48 -1.44
N GLN A 106 5.90 -3.56 -0.96
CA GLN A 106 6.39 -4.75 -0.28
C GLN A 106 6.11 -4.66 1.21
N VAL A 107 6.14 -5.80 1.89
CA VAL A 107 5.86 -5.85 3.32
C VAL A 107 6.94 -6.64 4.06
N SER A 108 7.34 -6.12 5.22
CA SER A 108 8.37 -6.77 6.02
C SER A 108 7.92 -8.14 6.46
N ASP A 109 6.66 -8.23 6.87
CA ASP A 109 6.09 -9.49 7.33
C ASP A 109 6.15 -10.55 6.24
N ASN A 110 5.76 -10.15 5.03
CA ASN A 110 5.79 -11.06 3.89
C ASN A 110 7.13 -11.78 3.78
N LYS A 111 7.08 -13.10 3.63
CA LYS A 111 8.30 -13.90 3.55
C LYS A 111 8.39 -14.71 2.25
N ASP A 112 7.73 -14.22 1.20
CA ASP A 112 7.86 -14.85 -0.12
C ASP A 112 9.27 -14.65 -0.66
N SER A 113 9.78 -15.62 -1.40
CA SER A 113 11.15 -15.56 -1.90
C SER A 113 11.24 -15.84 -3.40
N PHE A 114 10.21 -16.49 -3.95
CA PHE A 114 10.21 -16.84 -5.36
C PHE A 114 9.68 -15.70 -6.21
N TYR A 115 10.48 -14.64 -6.31
CA TYR A 115 10.15 -13.49 -7.13
C TYR A 115 11.30 -12.49 -7.17
N VAL A 116 11.39 -11.73 -8.26
CA VAL A 116 12.33 -10.63 -8.38
C VAL A 116 11.67 -9.50 -9.15
N SER A 117 12.15 -8.27 -8.94
CA SER A 117 11.58 -7.10 -9.61
C SER A 117 12.66 -6.35 -10.38
N LEU A 118 12.49 -6.26 -11.69
CA LEU A 118 13.46 -5.57 -12.55
C LEU A 118 13.33 -4.06 -12.46
N TYR A 119 12.12 -3.59 -12.12
CA TYR A 119 11.91 -2.15 -11.96
C TYR A 119 12.89 -1.61 -10.93
N PRO A 120 13.53 -0.47 -11.24
CA PRO A 120 14.57 0.07 -10.36
C PRO A 120 14.05 0.36 -8.95
N ASP A 121 14.65 -0.30 -7.95
CA ASP A 121 14.30 -0.07 -6.56
C ASP A 121 14.02 1.41 -6.35
N PHE A 122 12.83 1.71 -5.86
CA PHE A 122 12.36 3.09 -5.80
C PHE A 122 12.89 3.86 -4.59
N SER A 123 13.68 3.20 -3.76
CA SER A 123 14.38 3.88 -2.67
C SER A 123 15.67 4.48 -3.20
N SER A 124 16.20 3.85 -4.24
CA SER A 124 17.39 4.37 -4.93
C SER A 124 17.02 5.60 -5.75
N LEU A 125 15.81 5.59 -6.30
CA LEU A 125 15.34 6.69 -7.14
C LEU A 125 14.97 7.90 -6.29
N SER A 126 14.46 7.64 -5.09
CA SER A 126 14.09 8.70 -4.17
C SER A 126 15.35 9.39 -3.64
N ARG A 127 16.42 8.63 -3.50
CA ARG A 127 17.69 9.15 -3.03
C ARG A 127 18.42 9.87 -4.16
N ALA A 128 18.09 9.53 -5.39
CA ALA A 128 18.67 10.18 -6.56
C ALA A 128 17.98 11.52 -6.79
N ILE A 129 16.69 11.57 -6.45
CA ILE A 129 15.91 12.79 -6.59
C ILE A 129 16.40 13.86 -5.64
N LEU A 130 16.61 13.50 -4.37
CA LEU A 130 17.08 14.47 -3.40
C LEU A 130 18.53 14.85 -3.70
N ASP A 131 19.29 13.92 -4.28
CA ASP A 131 20.66 14.21 -4.72
C ASP A 131 20.64 15.29 -5.80
N LEU A 132 19.56 15.31 -6.58
CA LEU A 132 19.37 16.28 -7.64
C LEU A 132 18.91 17.62 -7.05
N VAL A 133 18.13 17.54 -5.98
CA VAL A 133 17.66 18.73 -5.30
C VAL A 133 18.81 19.39 -4.54
N GLN A 134 19.78 18.58 -4.13
CA GLN A 134 20.95 19.08 -3.42
C GLN A 134 21.82 19.85 -4.41
N PHE A 135 21.89 19.33 -5.64
CA PHE A 135 22.71 19.93 -6.67
C PHE A 135 22.11 21.27 -7.11
N PHE A 136 20.80 21.38 -7.05
CA PHE A 136 20.12 22.61 -7.46
C PHE A 136 20.04 23.62 -6.31
N LYS A 137 20.43 23.19 -5.12
CA LYS A 137 20.45 24.06 -3.94
C LYS A 137 19.05 24.60 -3.60
N TRP A 138 18.02 23.79 -3.86
CA TRP A 138 16.64 24.17 -3.56
C TRP A 138 16.41 24.24 -2.06
N LYS A 139 15.71 25.28 -1.62
CA LYS A 139 15.39 25.44 -0.21
C LYS A 139 13.96 24.98 0.05
N THR A 140 13.04 25.43 -0.81
CA THR A 140 11.65 25.02 -0.73
C THR A 140 11.28 24.16 -1.93
N VAL A 141 10.22 23.37 -1.79
CA VAL A 141 9.77 22.49 -2.87
C VAL A 141 8.44 21.83 -2.55
N THR A 142 7.56 21.77 -3.55
CA THR A 142 6.24 21.17 -3.36
C THR A 142 6.15 19.85 -4.11
N VAL A 143 6.07 18.76 -3.37
CA VAL A 143 5.94 17.42 -3.96
C VAL A 143 4.47 17.06 -4.14
N VAL A 144 4.04 16.91 -5.40
CA VAL A 144 2.65 16.56 -5.69
C VAL A 144 2.53 15.18 -6.31
N TYR A 145 1.78 14.30 -5.64
CA TYR A 145 1.64 12.91 -6.09
C TYR A 145 0.27 12.67 -6.70
N ASP A 146 0.14 11.53 -7.39
CA ASP A 146 -1.10 11.19 -8.07
C ASP A 146 -1.95 10.28 -7.20
N ASP A 147 -1.43 9.09 -6.90
CA ASP A 147 -2.14 8.15 -6.04
C ASP A 147 -1.40 7.99 -4.72
N SER A 148 -2.11 7.48 -3.73
CA SER A 148 -1.60 7.44 -2.36
C SER A 148 -0.30 6.65 -2.22
N THR A 149 -0.12 5.61 -3.03
CA THR A 149 1.07 4.77 -2.93
C THR A 149 2.34 5.57 -3.20
N GLY A 150 2.18 6.76 -3.79
CA GLY A 150 3.29 7.63 -4.06
C GLY A 150 4.05 8.01 -2.79
N LEU A 151 3.32 8.17 -1.70
CA LEU A 151 3.89 8.49 -0.40
C LEU A 151 4.81 7.38 0.10
N ILE A 152 4.35 6.13 -0.02
CA ILE A 152 5.16 4.97 0.35
C ILE A 152 6.37 4.86 -0.56
N ARG A 153 6.19 5.29 -1.81
CA ARG A 153 7.23 5.16 -2.82
C ARG A 153 8.42 6.06 -2.50
N LEU A 154 8.22 7.37 -2.59
CA LEU A 154 9.30 8.32 -2.37
C LEU A 154 9.33 8.81 -0.92
N GLN A 155 9.22 7.88 0.02
CA GLN A 155 9.23 8.24 1.44
C GLN A 155 10.60 8.71 1.90
N GLU A 156 11.66 8.20 1.29
CA GLU A 156 13.02 8.60 1.63
C GLU A 156 13.25 10.09 1.37
N LEU A 157 12.38 10.68 0.56
CA LEU A 157 12.45 12.10 0.25
C LEU A 157 11.60 12.91 1.23
N ILE A 158 10.46 12.34 1.63
CA ILE A 158 9.54 13.00 2.55
C ILE A 158 10.16 13.22 3.92
N LYS A 159 11.00 12.30 4.36
CA LYS A 159 11.66 12.43 5.66
C LYS A 159 13.11 12.89 5.51
N ALA A 160 13.33 13.76 4.53
CA ALA A 160 14.60 14.44 4.37
C ALA A 160 14.66 15.72 5.21
N PRO A 161 13.55 16.50 5.21
CA PRO A 161 13.49 17.73 6.03
C PRO A 161 13.89 17.53 7.49
N SER A 162 13.83 16.31 7.99
CA SER A 162 14.21 16.04 9.38
C SER A 162 15.73 15.90 9.56
N ARG A 163 16.40 15.35 8.55
CA ARG A 163 17.86 15.21 8.58
C ARG A 163 18.57 16.33 7.84
N TYR A 164 17.80 17.17 7.14
CA TYR A 164 18.36 18.20 6.27
C TYR A 164 17.74 19.55 6.54
N ASN A 165 18.05 20.52 5.70
CA ASN A 165 17.47 21.84 5.79
C ASN A 165 16.52 22.06 4.62
N LEU A 166 15.39 21.35 4.64
CA LEU A 166 14.42 21.42 3.56
C LEU A 166 13.03 21.73 4.08
N ARG A 167 12.28 22.55 3.35
CA ARG A 167 10.92 22.88 3.73
C ARG A 167 10.01 22.61 2.54
N LEU A 168 9.55 21.37 2.42
CA LEU A 168 8.75 20.96 1.27
C LEU A 168 7.27 20.81 1.63
N LYS A 169 6.40 21.47 0.87
CA LYS A 169 4.97 21.23 0.98
C LYS A 169 4.66 19.93 0.26
N ILE A 170 3.38 19.54 0.24
CA ILE A 170 3.00 18.28 -0.37
C ILE A 170 1.52 18.26 -0.73
N ARG A 171 1.21 18.03 -2.00
CA ARG A 171 -0.15 18.09 -2.51
C ARG A 171 -0.53 16.82 -3.27
N GLN A 172 -1.81 16.69 -3.59
CA GLN A 172 -2.28 15.58 -4.41
C GLN A 172 -3.29 16.08 -5.42
N LEU A 173 -3.34 15.45 -6.57
CA LEU A 173 -4.28 15.85 -7.62
C LEU A 173 -5.40 14.82 -7.72
N PRO A 174 -6.63 15.31 -7.99
CA PRO A 174 -7.84 14.48 -8.03
C PRO A 174 -7.91 13.55 -9.25
N ALA A 175 -9.05 12.90 -9.42
CA ALA A 175 -9.24 11.97 -10.52
C ALA A 175 -9.05 12.67 -11.86
N ASP A 176 -9.95 13.58 -12.20
CA ASP A 176 -9.90 14.28 -13.48
C ASP A 176 -8.52 14.87 -13.74
N THR A 177 -8.07 14.78 -14.98
CA THR A 177 -6.78 15.32 -15.37
C THR A 177 -6.85 16.85 -15.37
N LYS A 178 -7.88 17.38 -16.01
CA LYS A 178 -8.03 18.83 -16.17
C LYS A 178 -8.46 19.52 -14.87
N ASP A 179 -8.65 18.75 -13.81
CA ASP A 179 -8.97 19.32 -12.52
C ASP A 179 -7.69 19.72 -11.79
N ALA A 180 -6.58 19.81 -12.54
CA ALA A 180 -5.29 20.17 -11.98
C ALA A 180 -5.10 21.69 -11.96
N LYS A 181 -6.04 22.41 -12.56
CA LYS A 181 -5.94 23.86 -12.64
C LYS A 181 -6.05 24.54 -11.27
N PRO A 182 -7.04 24.14 -10.46
CA PRO A 182 -7.14 24.69 -9.09
C PRO A 182 -5.88 24.43 -8.28
N LEU A 183 -5.29 23.25 -8.43
CA LEU A 183 -4.06 22.91 -7.74
C LEU A 183 -2.94 23.84 -8.19
N LEU A 184 -2.96 24.18 -9.48
CA LEU A 184 -1.96 25.06 -10.08
C LEU A 184 -2.17 26.50 -9.62
N LYS A 185 -3.41 26.86 -9.31
CA LYS A 185 -3.72 28.20 -8.82
C LYS A 185 -3.11 28.40 -7.44
N GLU A 186 -3.09 27.33 -6.65
CA GLU A 186 -2.62 27.39 -5.28
C GLU A 186 -1.11 27.45 -5.23
N MET A 187 -0.46 26.83 -6.21
CA MET A 187 0.99 26.85 -6.30
C MET A 187 1.47 28.18 -6.85
N LYS A 188 0.84 28.63 -7.92
CA LYS A 188 1.14 29.92 -8.51
C LYS A 188 0.99 30.98 -7.42
N ARG A 189 -0.08 30.87 -6.64
CA ARG A 189 -0.43 31.84 -5.62
C ARG A 189 0.52 31.73 -4.42
N GLY A 190 1.01 30.51 -4.17
CA GLY A 190 1.91 30.26 -3.07
C GLY A 190 3.37 30.42 -3.44
N LYS A 191 3.62 30.87 -4.67
CA LYS A 191 4.97 31.07 -5.17
C LYS A 191 5.81 29.79 -5.06
N GLU A 192 5.19 28.66 -5.42
CA GLU A 192 5.85 27.37 -5.36
C GLU A 192 6.35 27.01 -6.76
N PHE A 193 7.57 27.44 -7.07
CA PHE A 193 8.12 27.28 -8.41
C PHE A 193 8.91 25.99 -8.55
N HIS A 194 9.55 25.57 -7.47
CA HIS A 194 10.26 24.29 -7.45
C HIS A 194 9.27 23.18 -7.11
N VAL A 195 9.07 22.26 -8.06
CA VAL A 195 8.03 21.26 -7.94
C VAL A 195 8.49 19.87 -8.40
N ILE A 196 8.18 18.84 -7.61
CA ILE A 196 8.38 17.45 -8.03
C ILE A 196 7.03 16.82 -8.39
N PHE A 197 6.98 16.09 -9.49
CA PHE A 197 5.75 15.44 -9.93
C PHE A 197 5.86 13.91 -9.89
N ASP A 198 4.98 13.27 -9.14
CA ASP A 198 4.94 11.82 -9.06
C ASP A 198 3.72 11.30 -9.81
N CYS A 199 3.91 11.02 -11.10
CA CYS A 199 2.84 10.51 -11.93
C CYS A 199 3.39 9.86 -13.20
N SER A 200 2.49 9.24 -13.97
CA SER A 200 2.87 8.62 -15.23
C SER A 200 3.17 9.69 -16.28
N HIS A 201 3.98 9.36 -17.27
CA HIS A 201 4.34 10.31 -18.30
C HIS A 201 3.13 10.83 -19.06
N GLU A 202 2.01 10.10 -18.99
CA GLU A 202 0.78 10.53 -19.63
C GLU A 202 0.11 11.62 -18.80
N MET A 203 0.09 11.42 -17.49
CA MET A 203 -0.45 12.43 -16.57
C MET A 203 0.38 13.69 -16.68
N ALA A 204 1.69 13.51 -16.80
CA ALA A 204 2.63 14.62 -16.87
C ALA A 204 2.38 15.49 -18.10
N ALA A 205 2.39 14.86 -19.26
CA ALA A 205 2.13 15.58 -20.51
C ALA A 205 0.82 16.35 -20.42
N GLY A 206 -0.12 15.84 -19.63
CA GLY A 206 -1.43 16.45 -19.48
C GLY A 206 -1.42 17.67 -18.58
N ILE A 207 -0.62 17.65 -17.53
CA ILE A 207 -0.56 18.76 -16.59
C ILE A 207 0.31 19.89 -17.15
N LEU A 208 1.30 19.54 -17.95
CA LEU A 208 2.18 20.54 -18.57
C LEU A 208 1.39 21.39 -19.57
N LYS A 209 0.44 20.76 -20.25
CA LYS A 209 -0.40 21.45 -21.21
C LYS A 209 -1.29 22.48 -20.53
N GLN A 210 -1.59 22.24 -19.25
CA GLN A 210 -2.44 23.14 -18.47
C GLN A 210 -1.61 24.21 -17.78
N ALA A 211 -0.45 23.82 -17.28
CA ALA A 211 0.48 24.76 -16.68
C ALA A 211 0.90 25.80 -17.70
N LEU A 212 0.86 25.39 -18.97
CA LEU A 212 1.19 26.28 -20.07
C LEU A 212 0.11 27.33 -20.27
N ASN A 213 -1.15 26.91 -20.18
CA ASN A 213 -2.28 27.83 -20.32
C ASN A 213 -2.31 28.84 -19.19
N MET A 214 -1.72 28.47 -18.06
CA MET A 214 -1.69 29.35 -16.90
C MET A 214 -0.36 30.09 -16.79
N SER A 215 0.20 30.45 -17.95
CA SER A 215 1.48 31.17 -18.01
C SER A 215 2.39 30.72 -16.87
N MET A 216 2.50 29.40 -16.73
CA MET A 216 3.27 28.82 -15.64
C MET A 216 4.51 28.13 -16.19
N MET A 217 4.86 28.43 -17.43
CA MET A 217 6.00 27.80 -18.09
C MET A 217 7.14 28.79 -18.29
N THR A 218 7.23 29.77 -17.40
CA THR A 218 8.30 30.77 -17.47
C THR A 218 9.61 30.20 -16.95
N GLU A 219 10.63 31.06 -16.84
CA GLU A 219 11.94 30.64 -16.37
C GLU A 219 12.00 30.59 -14.84
N TYR A 220 10.98 31.11 -14.19
CA TYR A 220 10.89 31.08 -12.73
C TYR A 220 10.67 29.65 -12.22
N TYR A 221 9.96 28.85 -13.02
CA TYR A 221 9.58 27.50 -12.62
C TYR A 221 10.62 26.46 -13.02
N HIS A 222 10.77 25.44 -12.17
CA HIS A 222 11.65 24.32 -12.46
C HIS A 222 11.03 23.01 -11.96
N TYR A 223 10.65 22.15 -12.90
CA TYR A 223 9.96 20.90 -12.57
C TYR A 223 10.88 19.69 -12.66
N ILE A 224 10.77 18.80 -11.68
CA ILE A 224 11.42 17.50 -11.72
C ILE A 224 10.33 16.43 -11.83
N PHE A 225 10.63 15.31 -12.48
CA PHE A 225 9.62 14.29 -12.74
C PHE A 225 10.08 12.91 -12.28
N THR A 226 9.15 12.14 -11.71
CA THR A 226 9.44 10.81 -11.22
C THR A 226 9.52 9.83 -12.39
N THR A 227 8.64 10.03 -13.36
CA THR A 227 8.55 9.15 -14.51
C THR A 227 9.91 9.02 -15.19
N LEU A 228 10.28 7.79 -15.55
CA LEU A 228 11.50 7.53 -16.30
C LEU A 228 11.26 7.68 -17.79
N ASP A 229 9.98 7.66 -18.17
CA ASP A 229 9.57 7.89 -19.55
C ASP A 229 9.36 9.38 -19.81
N LEU A 230 10.06 10.22 -19.03
CA LEU A 230 9.90 11.66 -19.16
C LEU A 230 10.18 12.11 -20.57
N PHE A 231 11.20 11.53 -21.19
CA PHE A 231 11.69 12.05 -22.45
C PHE A 231 11.19 11.21 -23.63
N ALA A 232 10.01 10.62 -23.44
CA ALA A 232 9.20 10.14 -24.54
C ALA A 232 8.04 11.12 -24.69
N LEU A 233 8.29 12.36 -24.30
CA LEU A 233 7.27 13.40 -24.28
C LEU A 233 7.55 14.46 -25.35
N ASP A 234 6.49 14.97 -25.96
CA ASP A 234 6.61 16.06 -26.91
C ASP A 234 6.84 17.36 -26.16
N VAL A 235 8.12 17.69 -25.94
CA VAL A 235 8.48 18.89 -25.20
C VAL A 235 8.68 20.06 -26.15
N GLU A 236 8.10 19.96 -27.35
CA GLU A 236 8.24 20.99 -28.36
C GLU A 236 7.68 22.35 -27.91
N PRO A 237 6.49 22.34 -27.31
CA PRO A 237 5.79 23.58 -26.92
C PRO A 237 6.48 24.34 -25.77
N TYR A 238 7.42 23.72 -25.08
CA TYR A 238 8.07 24.33 -23.92
C TYR A 238 9.57 24.51 -24.14
N ARG A 239 10.00 24.45 -25.41
CA ARG A 239 11.41 24.54 -25.76
C ARG A 239 12.00 25.90 -25.37
N TYR A 240 11.37 26.98 -25.83
CA TYR A 240 11.90 28.31 -25.62
C TYR A 240 11.05 29.11 -24.66
N SER A 241 10.24 28.42 -23.86
CA SER A 241 9.41 29.08 -22.87
C SER A 241 10.28 29.57 -21.71
N GLY A 242 11.46 28.98 -21.58
CA GLY A 242 12.40 29.36 -20.54
C GLY A 242 12.33 28.47 -19.31
N VAL A 243 11.30 27.65 -19.23
CA VAL A 243 11.10 26.76 -18.10
C VAL A 243 12.16 25.66 -18.05
N ASN A 244 12.61 25.33 -16.85
CA ASN A 244 13.55 24.22 -16.68
C ASN A 244 12.76 22.95 -16.35
N MET A 245 13.27 21.81 -16.78
CA MET A 245 12.64 20.52 -16.50
C MET A 245 13.74 19.47 -16.41
N THR A 246 13.62 18.56 -15.46
CA THR A 246 14.64 17.55 -15.25
C THR A 246 14.00 16.22 -14.87
N GLY A 247 14.71 15.13 -15.14
CA GLY A 247 14.24 13.81 -14.79
C GLY A 247 15.37 12.80 -14.92
N PHE A 248 15.03 11.51 -14.85
CA PHE A 248 16.03 10.48 -15.04
C PHE A 248 15.66 9.57 -16.20
N ARG A 249 16.62 8.74 -16.61
CA ARG A 249 16.40 7.80 -17.69
C ARG A 249 17.27 6.57 -17.47
N ILE A 250 16.64 5.42 -17.28
CA ILE A 250 17.39 4.18 -17.11
C ILE A 250 17.51 3.45 -18.46
N LEU A 251 16.59 3.76 -19.37
CA LEU A 251 16.64 3.23 -20.73
C LEU A 251 17.77 3.88 -21.53
N ASN A 252 18.79 3.10 -21.86
CA ASN A 252 19.98 3.63 -22.52
C ASN A 252 19.82 3.79 -24.03
N THR A 253 19.00 4.76 -24.44
CA THR A 253 18.76 5.02 -25.86
C THR A 253 20.00 5.60 -26.52
N GLU A 254 20.98 5.99 -25.72
CA GLU A 254 22.24 6.46 -26.25
C GLU A 254 22.97 5.35 -27.00
N ASN A 255 22.88 4.13 -26.46
CA ASN A 255 23.48 2.96 -27.10
C ASN A 255 22.68 2.53 -28.33
N THR A 256 23.37 2.36 -29.46
CA THR A 256 22.70 2.12 -30.73
C THR A 256 22.09 0.73 -30.83
N GLN A 257 22.70 -0.25 -30.17
CA GLN A 257 22.10 -1.56 -30.04
C GLN A 257 20.68 -1.41 -29.49
N VAL A 258 20.54 -0.65 -28.42
CA VAL A 258 19.23 -0.38 -27.82
C VAL A 258 18.34 0.41 -28.77
N SER A 259 18.95 1.27 -29.59
CA SER A 259 18.19 2.10 -30.52
C SER A 259 17.58 1.28 -31.66
N SER A 260 18.26 0.23 -32.07
CA SER A 260 17.81 -0.59 -33.17
C SER A 260 16.74 -1.59 -32.70
N ILE A 261 16.89 -2.08 -31.47
CA ILE A 261 15.86 -2.95 -30.89
C ILE A 261 14.57 -2.17 -30.74
N ILE A 262 14.67 -0.95 -30.21
CA ILE A 262 13.52 -0.09 -30.02
C ILE A 262 12.84 0.20 -31.36
N GLU A 263 13.65 0.19 -32.42
CA GLU A 263 13.15 0.46 -33.76
C GLU A 263 12.29 -0.69 -34.29
N LYS A 264 12.86 -1.90 -34.35
CA LYS A 264 12.15 -3.05 -34.87
C LYS A 264 10.96 -3.41 -33.97
N TRP A 265 10.92 -2.82 -32.78
CA TRP A 265 9.80 -2.99 -31.87
C TRP A 265 8.68 -2.04 -32.28
N SER A 266 9.05 -0.80 -32.57
CA SER A 266 8.08 0.22 -32.95
C SER A 266 7.58 0.01 -34.38
N MET A 267 8.15 -0.99 -35.04
CA MET A 267 7.76 -1.31 -36.41
C MET A 267 6.56 -2.24 -36.44
N GLU A 268 6.19 -2.75 -35.28
CA GLU A 268 5.18 -3.79 -35.18
C GLU A 268 3.80 -3.25 -34.84
N PRO A 276 -2.85 10.18 -31.84
CA PRO A 276 -3.69 11.12 -31.09
C PRO A 276 -2.89 12.29 -30.55
N ASP A 277 -3.54 13.43 -30.35
CA ASP A 277 -2.87 14.59 -29.81
C ASP A 277 -2.92 14.59 -28.29
N SER A 278 -2.11 13.75 -27.68
CA SER A 278 -2.10 13.59 -26.24
C SER A 278 -0.89 14.25 -25.60
N GLY A 279 0.08 14.63 -26.42
CA GLY A 279 1.30 15.23 -25.93
C GLY A 279 2.45 14.25 -25.88
N LEU A 280 2.17 12.99 -26.18
CA LEU A 280 3.20 11.95 -26.23
C LEU A 280 3.76 11.82 -27.64
N LEU A 281 4.96 11.24 -27.74
CA LEU A 281 5.57 10.99 -29.04
C LEU A 281 5.28 9.57 -29.50
N ASP A 282 4.93 9.44 -30.78
CA ASP A 282 4.54 8.14 -31.33
C ASP A 282 5.78 7.33 -31.73
N GLY A 283 5.73 6.03 -31.50
CA GLY A 283 6.80 5.13 -31.88
C GLY A 283 7.86 4.97 -30.81
N PHE A 284 7.46 5.14 -29.56
CA PHE A 284 8.40 5.06 -28.45
C PHE A 284 8.14 3.80 -27.62
N MET A 285 9.19 3.32 -26.98
CA MET A 285 9.10 2.15 -26.11
C MET A 285 9.22 2.58 -24.65
N THR A 286 8.18 2.33 -23.86
CA THR A 286 8.18 2.68 -22.44
C THR A 286 9.23 1.87 -21.70
N THR A 287 9.50 2.24 -20.45
CA THR A 287 10.43 1.50 -19.61
C THR A 287 9.76 0.23 -19.08
N ASP A 288 8.43 0.22 -19.12
CA ASP A 288 7.67 -0.94 -18.70
C ASP A 288 7.81 -2.04 -19.74
N ALA A 289 7.75 -1.64 -21.01
CA ALA A 289 7.95 -2.55 -22.12
C ALA A 289 9.41 -2.98 -22.21
N ALA A 290 10.31 -2.03 -21.96
CA ALA A 290 11.74 -2.31 -22.02
C ALA A 290 12.17 -3.25 -20.90
N LEU A 291 11.46 -3.18 -19.77
CA LEU A 291 11.77 -4.00 -18.60
C LEU A 291 11.23 -5.43 -18.76
N MET A 292 10.14 -5.57 -19.50
CA MET A 292 9.59 -6.88 -19.80
C MET A 292 10.49 -7.61 -20.77
N TYR A 293 10.95 -6.89 -21.78
CA TYR A 293 11.88 -7.42 -22.78
C TYR A 293 13.17 -7.88 -22.10
N ASP A 294 13.65 -7.08 -21.15
CA ASP A 294 14.88 -7.41 -20.44
C ASP A 294 14.65 -8.59 -19.50
N ALA A 295 13.46 -8.66 -18.92
CA ALA A 295 13.13 -9.74 -18.00
C ALA A 295 13.27 -11.08 -18.73
N VAL A 296 12.66 -11.18 -19.91
CA VAL A 296 12.70 -12.39 -20.70
C VAL A 296 14.15 -12.82 -20.97
N HIS A 297 15.02 -11.84 -21.20
CA HIS A 297 16.43 -12.12 -21.49
C HIS A 297 17.20 -12.51 -20.22
N VAL A 298 16.85 -11.91 -19.09
CA VAL A 298 17.57 -12.14 -17.85
C VAL A 298 17.25 -13.52 -17.29
N VAL A 299 16.05 -14.01 -17.61
CA VAL A 299 15.63 -15.33 -17.16
C VAL A 299 16.05 -16.37 -18.19
N SER A 300 16.33 -15.92 -19.40
CA SER A 300 16.83 -16.80 -20.46
C SER A 300 18.29 -17.14 -20.23
N VAL A 301 19.02 -16.22 -19.61
CA VAL A 301 20.42 -16.46 -19.30
C VAL A 301 20.56 -17.35 -18.07
N ALA A 302 19.49 -17.40 -17.27
CA ALA A 302 19.46 -18.25 -16.08
C ALA A 302 19.21 -19.69 -16.49
N VAL A 303 18.25 -19.88 -17.38
CA VAL A 303 17.94 -21.20 -17.91
C VAL A 303 19.06 -21.67 -18.85
N GLN A 304 19.83 -20.72 -19.36
CA GLN A 304 20.97 -21.01 -20.21
C GLN A 304 22.04 -21.73 -19.39
N GLN A 305 22.15 -21.35 -18.13
CA GLN A 305 23.13 -21.94 -17.23
C GLN A 305 22.53 -23.13 -16.48
N PHE A 306 21.42 -23.64 -16.99
CA PHE A 306 20.73 -24.76 -16.36
C PHE A 306 20.06 -25.61 -17.42
N PRO A 307 20.87 -26.31 -18.24
CA PRO A 307 20.39 -27.15 -19.35
C PRO A 307 19.48 -28.30 -18.91
N GLN A 308 19.53 -28.65 -17.63
CA GLN A 308 18.75 -29.77 -17.11
C GLN A 308 17.39 -29.31 -16.61
N MET A 309 16.78 -28.38 -17.34
CA MET A 309 15.50 -27.80 -16.94
C MET A 309 14.34 -28.46 -17.67
N THR A 310 13.26 -28.71 -16.94
CA THR A 310 12.07 -29.32 -17.53
C THR A 310 10.81 -28.91 -16.75
N VAL A 311 9.94 -28.15 -17.40
CA VAL A 311 8.70 -27.69 -16.78
C VAL A 311 7.91 -28.86 -16.22
N SER A 312 6.94 -28.55 -15.36
CA SER A 312 6.11 -29.57 -14.73
C SER A 312 4.70 -29.07 -14.47
N SER A 313 3.74 -29.97 -14.54
CA SER A 313 2.35 -29.65 -14.23
C SER A 313 2.13 -29.70 -12.72
N LEU A 314 1.86 -28.53 -12.14
CA LEU A 314 1.66 -28.42 -10.70
C LEU A 314 0.25 -27.88 -10.43
N GLN A 315 -0.42 -28.47 -9.44
CA GLN A 315 -1.78 -28.08 -9.11
C GLN A 315 -1.81 -27.23 -7.84
N CYS A 316 -2.74 -26.29 -7.79
CA CYS A 316 -2.89 -25.41 -6.64
C CYS A 316 -3.55 -26.12 -5.48
N ASN A 317 -4.65 -26.81 -5.77
CA ASN A 317 -5.35 -27.59 -4.76
C ASN A 317 -4.49 -28.73 -4.23
N ARG A 318 -3.69 -29.33 -5.11
CA ARG A 318 -2.78 -30.41 -4.73
C ARG A 318 -1.39 -29.84 -4.42
N HIS A 319 -1.16 -29.56 -3.14
CA HIS A 319 0.13 -29.04 -2.70
C HIS A 319 1.28 -29.86 -3.30
N LYS A 320 2.18 -29.17 -4.00
CA LYS A 320 3.36 -29.82 -4.57
C LYS A 320 4.33 -28.77 -5.09
N PRO A 321 5.44 -28.57 -4.37
CA PRO A 321 6.46 -27.62 -4.81
C PRO A 321 7.01 -27.97 -6.19
N TRP A 322 7.66 -27.00 -6.82
CA TRP A 322 8.25 -27.20 -8.15
C TRP A 322 9.66 -27.73 -7.99
N ARG A 323 10.01 -28.72 -8.80
CA ARG A 323 11.24 -29.47 -8.63
C ARG A 323 12.50 -28.61 -8.64
N PHE A 324 12.77 -27.95 -9.76
CA PHE A 324 13.98 -27.17 -9.93
C PHE A 324 13.76 -25.71 -9.56
N GLY A 325 13.00 -25.47 -8.49
CA GLY A 325 12.63 -24.13 -8.11
C GLY A 325 13.75 -23.36 -7.41
N THR A 326 14.13 -23.84 -6.23
CA THR A 326 15.19 -23.20 -5.46
C THR A 326 16.46 -23.00 -6.30
N ARG A 327 16.71 -23.94 -7.22
CA ARG A 327 17.89 -23.86 -8.07
C ARG A 327 17.74 -22.79 -9.14
N PHE A 328 16.61 -22.78 -9.82
CA PHE A 328 16.34 -21.82 -10.88
C PHE A 328 16.32 -20.40 -10.33
N MET A 329 15.50 -20.20 -9.29
CA MET A 329 15.38 -18.91 -8.63
C MET A 329 16.73 -18.38 -8.17
N SER A 330 17.64 -19.29 -7.83
CA SER A 330 18.97 -18.92 -7.40
C SER A 330 19.82 -18.43 -8.57
N LEU A 331 19.64 -19.04 -9.73
CA LEU A 331 20.37 -18.65 -10.93
C LEU A 331 19.86 -17.33 -11.49
N ILE A 332 18.63 -16.98 -11.14
CA ILE A 332 18.01 -15.75 -11.62
C ILE A 332 18.42 -14.55 -10.77
N LYS A 333 18.45 -14.75 -9.44
CA LYS A 333 18.81 -13.69 -8.51
C LYS A 333 20.31 -13.37 -8.60
N GLU A 334 21.05 -14.23 -9.28
CA GLU A 334 22.50 -14.05 -9.42
C GLU A 334 22.87 -13.56 -10.82
N ALA A 335 21.89 -13.55 -11.73
CA ALA A 335 22.15 -13.24 -13.14
C ALA A 335 22.51 -11.78 -13.36
N HIS A 336 23.60 -11.54 -14.09
CA HIS A 336 24.00 -10.19 -14.49
C HIS A 336 23.86 -10.08 -16.01
N TRP A 337 23.07 -9.12 -16.46
CA TRP A 337 22.74 -9.01 -17.88
C TRP A 337 22.69 -7.56 -18.36
N GLU A 338 23.46 -7.26 -19.39
CA GLU A 338 23.43 -5.95 -20.04
C GLU A 338 22.24 -5.86 -20.99
N GLY A 339 21.21 -5.12 -20.58
CA GLY A 339 20.00 -5.01 -21.36
C GLY A 339 19.69 -3.58 -21.79
N LEU A 340 18.47 -3.37 -22.26
CA LEU A 340 18.03 -2.06 -22.72
C LEU A 340 18.12 -1.02 -21.59
N THR A 341 17.99 -1.48 -20.35
CA THR A 341 17.97 -0.58 -19.19
C THR A 341 19.32 -0.54 -18.48
N GLY A 342 20.36 -1.04 -19.13
CA GLY A 342 21.71 -1.02 -18.58
C GLY A 342 22.01 -2.28 -17.79
N ARG A 343 23.06 -2.23 -16.99
CA ARG A 343 23.45 -3.38 -16.19
C ARG A 343 22.34 -3.76 -15.21
N ILE A 344 21.96 -5.03 -15.23
CA ILE A 344 20.87 -5.55 -14.41
C ILE A 344 21.38 -6.52 -13.36
N THR A 345 21.27 -6.14 -12.10
CA THR A 345 21.69 -7.01 -10.99
C THR A 345 20.76 -6.82 -9.80
N PHE A 346 20.64 -7.86 -8.98
CA PHE A 346 19.67 -7.86 -7.89
C PHE A 346 20.30 -7.84 -6.50
N ASN A 347 19.67 -7.10 -5.59
CA ASN A 347 20.06 -7.09 -4.20
C ASN A 347 19.86 -8.49 -3.62
N LYS A 348 20.94 -9.14 -3.23
CA LYS A 348 20.87 -10.52 -2.77
C LYS A 348 19.83 -10.73 -1.68
N THR A 349 19.55 -9.67 -0.91
CA THR A 349 18.61 -9.78 0.20
C THR A 349 17.16 -9.67 -0.28
N ASN A 350 16.84 -8.62 -1.02
CA ASN A 350 15.46 -8.33 -1.40
C ASN A 350 15.11 -8.82 -2.81
N GLY A 351 16.06 -9.47 -3.47
CA GLY A 351 15.91 -9.80 -4.87
C GLY A 351 15.37 -8.61 -5.63
N LEU A 352 15.72 -7.42 -5.17
CA LEU A 352 15.19 -6.19 -5.73
C LEU A 352 16.33 -5.37 -6.32
N ARG A 353 16.13 -4.85 -7.53
CA ARG A 353 17.18 -4.16 -8.26
C ARG A 353 17.56 -2.80 -7.63
N THR A 354 18.45 -2.84 -6.64
CA THR A 354 18.80 -1.63 -5.90
C THR A 354 20.02 -0.92 -6.50
N ASP A 355 20.72 -1.61 -7.38
CA ASP A 355 21.89 -1.04 -8.04
C ASP A 355 21.67 -0.95 -9.54
N PHE A 356 21.69 0.28 -10.05
CA PHE A 356 21.46 0.52 -11.47
C PHE A 356 22.03 1.88 -11.87
N ASP A 357 22.19 2.09 -13.18
CA ASP A 357 22.70 3.35 -13.67
C ASP A 357 21.58 4.20 -14.26
N LEU A 358 21.60 5.49 -13.92
CA LEU A 358 20.65 6.45 -14.45
C LEU A 358 21.39 7.53 -15.24
N ASP A 359 20.66 8.22 -16.11
CA ASP A 359 21.19 9.34 -16.87
C ASP A 359 20.30 10.52 -16.61
N VAL A 360 20.76 11.47 -15.81
CA VAL A 360 19.98 12.66 -15.54
C VAL A 360 19.90 13.47 -16.84
N ILE A 361 18.69 13.91 -17.18
CA ILE A 361 18.46 14.68 -18.40
C ILE A 361 17.63 15.92 -18.11
N SER A 362 17.83 16.98 -18.88
CA SER A 362 17.11 18.22 -18.66
C SER A 362 16.71 18.85 -20.00
N LEU A 363 15.61 19.59 -20.00
CA LEU A 363 15.16 20.30 -21.19
C LEU A 363 16.04 21.51 -21.50
N LYS A 364 16.51 21.59 -22.74
CA LYS A 364 17.27 22.73 -23.20
C LYS A 364 16.53 23.39 -24.37
N GLU A 365 17.19 24.33 -25.04
CA GLU A 365 16.58 24.98 -26.20
C GLU A 365 16.65 24.06 -27.41
N GLU A 366 17.39 22.97 -27.27
CA GLU A 366 17.49 21.96 -28.32
C GLU A 366 16.59 20.77 -28.00
N GLY A 367 16.05 20.76 -26.79
CA GLY A 367 15.22 19.65 -26.33
C GLY A 367 15.89 18.91 -25.18
N LEU A 368 15.22 17.89 -24.67
CA LEU A 368 15.76 17.11 -23.56
C LEU A 368 17.09 16.49 -23.95
N GLU A 369 18.03 16.46 -23.03
CA GLU A 369 19.36 15.93 -23.30
C GLU A 369 20.12 15.60 -22.02
N LYS A 370 20.99 14.59 -22.09
CA LYS A 370 21.74 14.13 -20.92
C LYS A 370 22.67 15.22 -20.41
N ILE A 371 22.46 15.63 -19.16
CA ILE A 371 23.31 16.63 -18.52
C ILE A 371 24.19 15.99 -17.45
N GLY A 372 24.12 14.66 -17.32
CA GLY A 372 24.91 13.94 -16.35
C GLY A 372 24.39 12.54 -16.08
N THR A 373 25.01 11.87 -15.10
CA THR A 373 24.62 10.52 -14.71
C THR A 373 24.42 10.42 -13.21
N TRP A 374 23.82 9.31 -12.78
CA TRP A 374 23.64 9.02 -11.36
C TRP A 374 23.69 7.52 -11.12
N ASP A 375 23.87 7.14 -9.86
CA ASP A 375 23.80 5.75 -9.44
C ASP A 375 24.03 5.68 -7.94
N PRO A 376 23.44 4.67 -7.28
CA PRO A 376 23.51 4.59 -5.82
C PRO A 376 24.96 4.66 -5.31
N ALA A 377 25.90 4.17 -6.12
CA ALA A 377 27.29 4.11 -5.70
C ALA A 377 27.99 5.47 -5.87
N SER A 378 28.33 5.81 -7.11
CA SER A 378 29.09 7.03 -7.39
C SER A 378 28.41 8.28 -6.86
N GLY A 379 27.08 8.28 -6.89
CA GLY A 379 26.32 9.43 -6.46
C GLY A 379 25.82 10.22 -7.65
N LEU A 380 26.29 11.45 -7.78
CA LEU A 380 25.82 12.34 -8.82
C LEU A 380 27.02 12.94 -9.59
N ASN A 381 27.14 12.55 -10.86
CA ASN A 381 28.22 13.04 -11.72
C ASN A 381 27.66 13.95 -12.80
N MET A 382 27.98 15.24 -12.74
CA MET A 382 27.45 16.21 -13.70
C MET A 382 28.49 16.64 -14.72
N THR A 383 28.17 16.44 -16.00
CA THR A 383 29.01 16.95 -17.08
C THR A 383 28.80 18.45 -17.21
N GLU A 384 29.54 19.21 -16.43
CA GLU A 384 29.40 20.65 -16.39
C GLU A 384 29.72 21.27 -17.74
N VAL B 4 -31.39 -21.09 11.12
CA VAL B 4 -30.03 -21.42 11.53
C VAL B 4 -29.06 -21.26 10.36
N LEU B 5 -28.05 -20.41 10.54
CA LEU B 5 -27.07 -20.14 9.49
C LEU B 5 -25.65 -20.04 10.05
N ARG B 6 -24.67 -20.10 9.16
CA ARG B 6 -23.26 -20.14 9.57
C ARG B 6 -22.49 -18.89 9.13
N PHE B 7 -21.47 -18.53 9.88
CA PHE B 7 -20.57 -17.43 9.55
C PHE B 7 -19.16 -17.95 9.29
N GLY B 8 -18.32 -17.09 8.72
CA GLY B 8 -16.93 -17.44 8.46
C GLY B 8 -15.98 -16.59 9.27
N GLY B 9 -14.74 -17.04 9.41
CA GLY B 9 -13.74 -16.30 10.16
C GLY B 9 -12.34 -16.78 9.84
N ILE B 10 -11.42 -15.84 9.71
CA ILE B 10 -10.02 -16.18 9.43
C ILE B 10 -9.09 -15.37 10.33
N PHE B 11 -8.21 -16.07 11.04
CA PHE B 11 -7.35 -15.44 12.03
C PHE B 11 -5.93 -16.01 11.96
N GLU B 12 -4.99 -15.33 12.63
CA GLU B 12 -3.61 -15.80 12.66
C GLU B 12 -3.49 -17.19 13.28
N MET B 19 -4.48 -18.38 22.03
CA MET B 19 -5.46 -18.02 21.02
C MET B 19 -5.47 -16.50 20.79
N GLY B 20 -6.14 -16.08 19.71
CA GLY B 20 -6.21 -14.67 19.36
C GLY B 20 -7.35 -13.95 20.05
N ALA B 21 -7.24 -12.62 20.13
CA ALA B 21 -8.22 -11.80 20.83
C ALA B 21 -9.43 -11.49 19.95
N GLU B 22 -9.19 -11.36 18.66
CA GLU B 22 -10.28 -11.14 17.70
C GLU B 22 -11.10 -12.41 17.52
N GLU B 23 -10.43 -13.56 17.54
CA GLU B 23 -11.10 -14.84 17.39
C GLU B 23 -12.05 -15.09 18.55
N LEU B 24 -11.61 -14.74 19.75
CA LEU B 24 -12.43 -14.89 20.95
C LEU B 24 -13.57 -13.88 20.98
N ALA B 25 -13.33 -12.69 20.45
CA ALA B 25 -14.36 -11.66 20.40
C ALA B 25 -15.43 -12.08 19.40
N PHE B 26 -15.03 -12.90 18.44
CA PHE B 26 -15.94 -13.38 17.41
C PHE B 26 -16.84 -14.47 18.00
N ARG B 27 -16.22 -15.48 18.60
CA ARG B 27 -16.96 -16.58 19.20
C ARG B 27 -17.85 -16.04 20.30
N PHE B 28 -17.24 -15.32 21.23
CA PHE B 28 -17.95 -14.66 22.32
C PHE B 28 -19.13 -13.85 21.82
N ALA B 29 -18.96 -13.22 20.66
CA ALA B 29 -20.01 -12.38 20.08
C ALA B 29 -21.23 -13.19 19.61
N VAL B 30 -21.00 -14.30 18.91
CA VAL B 30 -22.10 -15.11 18.40
C VAL B 30 -22.80 -15.89 19.51
N ASN B 31 -22.08 -16.14 20.60
CA ASN B 31 -22.63 -16.86 21.73
C ASN B 31 -23.55 -15.98 22.57
N THR B 32 -23.25 -14.68 22.61
CA THR B 32 -24.10 -13.72 23.30
C THR B 32 -25.26 -13.28 22.41
N ILE B 33 -25.13 -13.54 21.11
CA ILE B 33 -26.23 -13.31 20.16
C ILE B 33 -27.22 -14.44 20.29
N ASN B 34 -26.71 -15.64 20.57
CA ASN B 34 -27.54 -16.81 20.78
C ASN B 34 -28.36 -16.70 22.07
N ARG B 35 -27.67 -16.39 23.15
CA ARG B 35 -28.30 -16.21 24.45
C ARG B 35 -29.33 -15.09 24.41
N ASN B 36 -28.90 -13.90 24.01
CA ASN B 36 -29.77 -12.73 23.97
C ASN B 36 -31.04 -13.00 23.15
N ARG B 37 -32.19 -12.87 23.80
CA ARG B 37 -33.48 -13.13 23.17
C ARG B 37 -33.73 -12.22 21.98
N THR B 38 -33.58 -10.92 22.20
CA THR B 38 -33.91 -9.90 21.20
C THR B 38 -33.41 -10.27 19.81
N LEU B 39 -32.21 -10.85 19.73
CA LEU B 39 -31.62 -11.21 18.45
C LEU B 39 -31.77 -12.71 18.19
N LEU B 40 -32.24 -13.04 16.99
CA LEU B 40 -32.44 -14.43 16.59
C LEU B 40 -33.46 -15.12 17.49
N PRO B 41 -34.68 -14.59 17.55
CA PRO B 41 -35.74 -15.25 18.32
C PRO B 41 -36.24 -16.51 17.61
N THR B 43 -33.76 -18.16 15.28
CA THR B 43 -32.56 -18.43 14.51
C THR B 43 -31.37 -18.72 15.44
N THR B 44 -30.35 -19.38 14.92
CA THR B 44 -29.18 -19.75 15.71
C THR B 44 -27.88 -19.58 14.91
N LEU B 45 -26.90 -18.92 15.52
CA LEU B 45 -25.60 -18.69 14.88
C LEU B 45 -24.60 -19.79 15.16
N THR B 46 -24.14 -20.44 14.10
CA THR B 46 -22.99 -21.34 14.16
C THR B 46 -21.90 -20.68 13.34
N TYR B 47 -20.66 -21.16 13.46
CA TYR B 47 -19.55 -20.55 12.74
C TYR B 47 -18.45 -21.54 12.37
N ASP B 48 -17.56 -21.10 11.49
CA ASP B 48 -16.44 -21.91 11.04
C ASP B 48 -15.16 -21.09 11.11
N THR B 49 -14.23 -21.53 11.95
CA THR B 49 -12.98 -20.81 12.14
C THR B 49 -11.85 -21.44 11.32
N GLN B 50 -11.02 -20.59 10.72
CA GLN B 50 -9.86 -21.03 9.95
C GLN B 50 -8.63 -20.27 10.42
N LYS B 51 -7.55 -21.00 10.70
CA LYS B 51 -6.31 -20.38 11.19
C LYS B 51 -5.25 -20.39 10.10
N ILE B 52 -5.04 -19.23 9.49
CA ILE B 52 -4.07 -19.10 8.41
C ILE B 52 -2.87 -18.29 8.85
N ASN B 53 -1.72 -18.56 8.23
CA ASN B 53 -0.56 -17.71 8.40
C ASN B 53 -0.84 -16.41 7.67
N LEU B 54 -0.84 -15.30 8.40
CA LEU B 54 -1.14 -14.01 7.80
C LEU B 54 -0.17 -13.72 6.66
N TYR B 55 -0.36 -12.60 5.98
CA TYR B 55 0.46 -12.24 4.81
C TYR B 55 0.70 -13.44 3.89
N ASP B 56 -0.32 -14.26 3.74
CA ASP B 56 -0.30 -15.39 2.80
C ASP B 56 -1.60 -15.37 2.01
N SER B 57 -1.59 -14.66 0.88
CA SER B 57 -2.78 -14.50 0.06
C SER B 57 -3.33 -15.85 -0.38
N PHE B 58 -2.43 -16.79 -0.70
CA PHE B 58 -2.82 -18.07 -1.24
C PHE B 58 -3.62 -18.89 -0.24
N GLU B 59 -3.02 -19.13 0.93
CA GLU B 59 -3.68 -19.91 1.98
C GLU B 59 -4.99 -19.27 2.43
N ALA B 60 -5.05 -17.94 2.37
CA ALA B 60 -6.25 -17.21 2.78
C ALA B 60 -7.36 -17.40 1.76
N SER B 61 -6.98 -17.51 0.49
CA SER B 61 -7.94 -17.68 -0.59
C SER B 61 -8.50 -19.09 -0.57
N LYS B 62 -7.66 -20.07 -0.24
CA LYS B 62 -8.09 -21.46 -0.23
C LYS B 62 -9.01 -21.71 0.95
N LYS B 63 -8.56 -21.28 2.14
CA LYS B 63 -9.36 -21.40 3.35
C LYS B 63 -10.69 -20.66 3.20
N ALA B 64 -10.69 -19.61 2.38
CA ALA B 64 -11.90 -18.84 2.12
C ALA B 64 -12.85 -19.64 1.25
N CYS B 65 -12.31 -20.28 0.22
CA CYS B 65 -13.11 -21.07 -0.70
C CYS B 65 -13.67 -22.31 -0.03
N ASP B 66 -13.00 -22.78 1.02
CA ASP B 66 -13.45 -23.93 1.77
C ASP B 66 -14.64 -23.54 2.64
N GLN B 67 -14.63 -22.29 3.10
CA GLN B 67 -15.74 -21.76 3.88
C GLN B 67 -16.91 -21.39 2.98
N LEU B 68 -16.62 -21.18 1.71
CA LEU B 68 -17.66 -20.82 0.76
C LEU B 68 -18.42 -22.06 0.31
N SER B 69 -17.69 -23.14 0.03
CA SER B 69 -18.31 -24.40 -0.35
C SER B 69 -19.04 -25.00 0.85
N LEU B 70 -18.51 -24.75 2.05
CA LEU B 70 -19.15 -25.20 3.27
C LEU B 70 -20.52 -24.54 3.41
N GLY B 71 -20.60 -23.27 3.03
CA GLY B 71 -21.86 -22.55 3.05
C GLY B 71 -21.96 -21.53 4.16
N VAL B 72 -21.44 -20.33 3.91
CA VAL B 72 -21.51 -19.24 4.88
C VAL B 72 -22.31 -18.08 4.30
N ALA B 73 -22.81 -17.21 5.17
CA ALA B 73 -23.59 -16.06 4.75
C ALA B 73 -22.69 -14.83 4.67
N ALA B 74 -21.52 -14.92 5.29
CA ALA B 74 -20.56 -13.82 5.29
C ALA B 74 -19.23 -14.31 5.87
N ILE B 75 -18.14 -13.79 5.33
CA ILE B 75 -16.81 -14.14 5.83
C ILE B 75 -16.19 -12.94 6.55
N PHE B 76 -15.72 -13.17 7.77
CA PHE B 76 -15.00 -12.15 8.52
C PHE B 76 -13.50 -12.32 8.27
N GLY B 77 -13.05 -11.81 7.13
CA GLY B 77 -11.72 -12.09 6.62
C GLY B 77 -10.59 -11.73 7.55
N PRO B 78 -9.35 -11.94 7.09
CA PRO B 78 -8.14 -11.71 7.88
C PRO B 78 -7.89 -10.24 8.18
N SER B 79 -6.96 -9.98 9.08
CA SER B 79 -6.62 -8.62 9.47
C SER B 79 -5.27 -8.21 8.90
N HIS B 80 -5.17 -8.26 7.58
CA HIS B 80 -3.93 -7.92 6.90
C HIS B 80 -4.25 -7.35 5.52
N SER B 81 -3.28 -6.67 4.92
CA SER B 81 -3.49 -6.06 3.62
C SER B 81 -3.73 -7.15 2.57
N SER B 82 -2.69 -7.91 2.25
CA SER B 82 -2.76 -8.91 1.18
C SER B 82 -3.87 -9.94 1.43
N SER B 83 -3.89 -10.51 2.62
CA SER B 83 -4.87 -11.55 2.95
C SER B 83 -6.30 -11.03 2.79
N ALA B 84 -6.55 -9.81 3.25
CA ALA B 84 -7.88 -9.21 3.22
C ALA B 84 -8.31 -8.83 1.80
N ASN B 85 -7.34 -8.43 0.98
CA ASN B 85 -7.63 -8.08 -0.41
C ASN B 85 -8.00 -9.30 -1.24
N ALA B 86 -7.41 -10.44 -0.90
CA ALA B 86 -7.70 -11.69 -1.58
C ALA B 86 -9.13 -12.14 -1.27
N VAL B 87 -9.45 -12.27 0.01
CA VAL B 87 -10.78 -12.70 0.43
C VAL B 87 -11.83 -11.65 0.09
N GLN B 88 -11.39 -10.42 -0.17
CA GLN B 88 -12.31 -9.36 -0.55
C GLN B 88 -12.71 -9.51 -2.00
N SER B 89 -11.76 -9.98 -2.80
CA SER B 89 -11.99 -10.19 -4.24
C SER B 89 -12.80 -11.45 -4.49
N ILE B 90 -12.52 -12.48 -3.70
CA ILE B 90 -13.26 -13.74 -3.78
C ILE B 90 -14.69 -13.52 -3.31
N CYS B 91 -14.86 -12.69 -2.29
CA CYS B 91 -16.17 -12.38 -1.76
C CYS B 91 -16.97 -11.55 -2.75
N ASN B 92 -16.29 -10.65 -3.46
CA ASN B 92 -16.96 -9.81 -4.43
C ASN B 92 -17.37 -10.60 -5.67
N ALA B 93 -16.59 -11.64 -5.99
CA ALA B 93 -16.86 -12.48 -7.15
C ALA B 93 -18.06 -13.37 -6.90
N LEU B 94 -18.03 -14.13 -5.81
CA LEU B 94 -19.09 -15.06 -5.48
C LEU B 94 -20.24 -14.39 -4.73
N GLY B 95 -20.18 -13.06 -4.64
CA GLY B 95 -21.28 -12.28 -4.10
C GLY B 95 -21.59 -12.51 -2.63
N VAL B 96 -20.61 -12.98 -1.86
CA VAL B 96 -20.79 -13.15 -0.43
C VAL B 96 -20.13 -12.00 0.35
N PRO B 97 -20.89 -11.34 1.24
CA PRO B 97 -20.41 -10.17 1.99
C PRO B 97 -19.11 -10.40 2.74
N HIS B 98 -18.21 -9.42 2.69
CA HIS B 98 -16.91 -9.49 3.37
C HIS B 98 -16.87 -8.49 4.52
N ILE B 99 -16.47 -8.95 5.69
CA ILE B 99 -16.49 -8.11 6.89
C ILE B 99 -15.09 -7.84 7.42
N GLN B 100 -14.54 -6.69 7.06
CA GLN B 100 -13.22 -6.30 7.51
C GLN B 100 -13.32 -5.50 8.82
N THR B 101 -12.39 -5.73 9.73
CA THR B 101 -12.41 -5.06 11.03
C THR B 101 -11.18 -4.15 11.19
N ARG B 102 -10.33 -4.10 10.18
CA ARG B 102 -9.14 -3.27 10.21
C ARG B 102 -9.04 -2.38 8.98
N TRP B 103 -8.08 -1.47 9.01
CA TRP B 103 -7.81 -0.60 7.88
C TRP B 103 -6.86 -1.31 6.91
N LYS B 104 -7.23 -1.36 5.64
CA LYS B 104 -6.32 -1.80 4.60
C LYS B 104 -6.29 -0.75 3.49
N HIS B 105 -5.16 -0.65 2.79
CA HIS B 105 -5.01 0.30 1.71
C HIS B 105 -6.02 0.02 0.60
N GLN B 106 -6.94 0.95 0.38
CA GLN B 106 -7.93 0.82 -0.68
C GLN B 106 -7.41 1.41 -1.98
N VAL B 107 -8.01 1.02 -3.10
CA VAL B 107 -7.58 1.51 -4.41
C VAL B 107 -8.76 2.02 -5.21
N SER B 108 -8.56 3.13 -5.90
CA SER B 108 -9.61 3.75 -6.70
C SER B 108 -10.03 2.82 -7.82
N ASP B 109 -9.05 2.18 -8.44
CA ASP B 109 -9.29 1.26 -9.54
C ASP B 109 -10.18 0.12 -9.08
N ASN B 110 -9.85 -0.46 -7.92
CA ASN B 110 -10.62 -1.56 -7.37
C ASN B 110 -12.11 -1.25 -7.38
N LYS B 111 -12.91 -2.20 -7.87
CA LYS B 111 -14.35 -2.00 -7.97
C LYS B 111 -15.14 -3.07 -7.21
N ASP B 112 -14.52 -3.67 -6.20
CA ASP B 112 -15.23 -4.62 -5.33
C ASP B 112 -16.28 -3.88 -4.50
N SER B 113 -17.41 -4.54 -4.23
CA SER B 113 -18.51 -3.90 -3.52
C SER B 113 -19.01 -4.73 -2.34
N PHE B 114 -18.71 -6.03 -2.37
CA PHE B 114 -19.17 -6.93 -1.31
C PHE B 114 -18.19 -6.92 -0.14
N TYR B 115 -18.20 -5.82 0.59
CA TYR B 115 -17.36 -5.68 1.78
C TYR B 115 -17.66 -4.37 2.50
N VAL B 116 -17.44 -4.36 3.82
CA VAL B 116 -17.52 -3.14 4.61
C VAL B 116 -16.44 -3.19 5.69
N SER B 117 -16.02 -2.01 6.17
CA SER B 117 -14.99 -1.95 7.20
C SER B 117 -15.49 -1.18 8.42
N LEU B 118 -15.53 -1.85 9.56
CA LEU B 118 -16.01 -1.22 10.80
C LEU B 118 -14.95 -0.31 11.39
N TYR B 119 -13.69 -0.58 11.12
CA TYR B 119 -12.62 0.26 11.62
C TYR B 119 -12.87 1.70 11.18
N PRO B 120 -12.70 2.66 12.10
CA PRO B 120 -13.03 4.06 11.78
C PRO B 120 -12.22 4.60 10.61
N ASP B 121 -12.90 5.03 9.55
CA ASP B 121 -12.26 5.63 8.40
C ASP B 121 -11.10 6.49 8.86
N PHE B 122 -9.90 6.20 8.37
CA PHE B 122 -8.69 6.81 8.88
C PHE B 122 -8.43 8.20 8.30
N SER B 123 -9.29 8.66 7.41
CA SER B 123 -9.22 10.04 6.92
C SER B 123 -9.94 10.94 7.89
N SER B 124 -10.92 10.38 8.60
CA SER B 124 -11.64 11.09 9.65
C SER B 124 -10.75 11.25 10.87
N LEU B 125 -9.91 10.25 11.12
CA LEU B 125 -9.02 10.27 12.28
C LEU B 125 -7.84 11.21 12.04
N SER B 126 -7.39 11.29 10.79
CA SER B 126 -6.31 12.19 10.44
C SER B 126 -6.76 13.64 10.55
N ARG B 127 -8.04 13.87 10.24
CA ARG B 127 -8.62 15.21 10.33
C ARG B 127 -8.94 15.58 11.77
N ALA B 128 -9.11 14.57 12.61
CA ALA B 128 -9.35 14.78 14.05
C ALA B 128 -8.04 15.11 14.74
N ILE B 129 -6.95 14.50 14.25
CA ILE B 129 -5.63 14.74 14.81
C ILE B 129 -5.19 16.18 14.58
N LEU B 130 -5.35 16.67 13.34
CA LEU B 130 -4.95 18.05 13.06
C LEU B 130 -5.90 19.02 13.74
N ASP B 131 -7.14 18.61 13.96
CA ASP B 131 -8.10 19.42 14.71
C ASP B 131 -7.61 19.58 16.15
N LEU B 132 -6.91 18.56 16.63
CA LEU B 132 -6.34 18.56 17.96
C LEU B 132 -5.07 19.40 18.01
N VAL B 133 -4.33 19.39 16.91
CA VAL B 133 -3.12 20.18 16.79
C VAL B 133 -3.47 21.67 16.66
N GLN B 134 -4.64 21.94 16.09
CA GLN B 134 -5.11 23.30 15.95
C GLN B 134 -5.49 23.85 17.32
N PHE B 135 -6.07 22.98 18.15
CA PHE B 135 -6.52 23.38 19.48
C PHE B 135 -5.32 23.66 20.37
N PHE B 136 -4.21 22.97 20.13
CA PHE B 136 -3.01 23.12 20.94
C PHE B 136 -2.14 24.26 20.42
N LYS B 137 -2.50 24.79 19.26
CA LYS B 137 -1.78 25.90 18.64
C LYS B 137 -0.31 25.55 18.35
N TRP B 138 -0.05 24.29 18.01
CA TRP B 138 1.31 23.84 17.68
C TRP B 138 1.79 24.45 16.38
N LYS B 139 3.04 24.90 16.36
CA LYS B 139 3.62 25.48 15.16
C LYS B 139 4.49 24.43 14.47
N THR B 140 5.32 23.75 15.26
CA THR B 140 6.16 22.69 14.72
C THR B 140 5.71 21.34 15.30
N VAL B 141 6.06 20.27 14.61
CA VAL B 141 5.68 18.92 15.05
C VAL B 141 6.37 17.84 14.22
N THR B 142 6.83 16.79 14.89
CA THR B 142 7.53 15.70 14.22
C THR B 142 6.66 14.45 14.21
N VAL B 143 6.18 14.05 13.03
CA VAL B 143 5.36 12.86 12.90
C VAL B 143 6.24 11.64 12.61
N VAL B 144 6.27 10.69 13.54
CA VAL B 144 7.07 9.47 13.38
C VAL B 144 6.19 8.22 13.23
N TYR B 145 6.36 7.52 12.11
CA TYR B 145 5.54 6.35 11.81
C TYR B 145 6.34 5.07 11.97
N ASP B 146 5.63 3.94 12.00
CA ASP B 146 6.26 2.64 12.20
C ASP B 146 6.51 1.97 10.86
N ASP B 147 5.43 1.66 10.15
CA ASP B 147 5.54 1.05 8.83
C ASP B 147 5.11 2.03 7.76
N SER B 148 5.51 1.76 6.53
CA SER B 148 5.34 2.69 5.43
C SER B 148 3.88 3.05 5.17
N THR B 149 2.96 2.12 5.40
CA THR B 149 1.54 2.36 5.12
C THR B 149 1.00 3.51 5.98
N GLY B 150 1.76 3.90 7.00
CA GLY B 150 1.38 5.00 7.86
C GLY B 150 1.24 6.30 7.08
N LEU B 151 2.10 6.47 6.08
CA LEU B 151 2.08 7.65 5.21
C LEU B 151 0.77 7.74 4.41
N ILE B 152 0.33 6.60 3.86
CA ILE B 152 -0.94 6.54 3.15
C ILE B 152 -2.09 6.76 4.11
N ARG B 153 -1.91 6.32 5.35
CA ARG B 153 -2.96 6.40 6.34
C ARG B 153 -3.27 7.85 6.71
N LEU B 154 -2.32 8.52 7.36
CA LEU B 154 -2.54 9.88 7.82
C LEU B 154 -2.01 10.91 6.82
N GLN B 155 -2.34 10.70 5.54
CA GLN B 155 -1.87 11.60 4.49
C GLN B 155 -2.57 12.95 4.57
N GLU B 156 -3.81 12.97 5.05
CA GLU B 156 -4.55 14.23 5.20
C GLU B 156 -3.86 15.19 6.16
N LEU B 157 -2.96 14.64 6.99
CA LEU B 157 -2.20 15.44 7.93
C LEU B 157 -0.89 15.90 7.31
N ILE B 158 -0.29 15.03 6.50
CA ILE B 158 0.98 15.33 5.83
C ILE B 158 0.89 16.51 4.87
N LYS B 159 -0.26 16.65 4.22
CA LYS B 159 -0.46 17.75 3.28
C LYS B 159 -1.31 18.86 3.89
N ALA B 160 -1.12 19.08 5.19
CA ALA B 160 -1.72 20.21 5.87
C ALA B 160 -0.82 21.45 5.75
N PRO B 161 0.50 21.28 5.92
CA PRO B 161 1.44 22.39 5.79
C PRO B 161 1.26 23.23 4.51
N SER B 162 0.64 22.66 3.49
CA SER B 162 0.42 23.37 2.23
C SER B 162 -0.80 24.29 2.30
N ARG B 163 -1.83 23.87 3.02
CA ARG B 163 -3.04 24.68 3.20
C ARG B 163 -3.02 25.48 4.51
N TYR B 164 -2.04 25.20 5.36
CA TYR B 164 -1.99 25.79 6.70
C TYR B 164 -0.63 26.40 6.98
N ASN B 165 -0.43 26.81 8.23
CA ASN B 165 0.85 27.33 8.67
C ASN B 165 1.51 26.34 9.61
N LEU B 166 1.94 25.20 9.06
CA LEU B 166 2.56 24.13 9.84
C LEU B 166 3.91 23.72 9.26
N ARG B 167 4.87 23.43 10.15
CA ARG B 167 6.18 22.99 9.73
C ARG B 167 6.51 21.71 10.47
N LEU B 168 6.08 20.59 9.91
CA LEU B 168 6.25 19.30 10.55
C LEU B 168 7.36 18.47 9.90
N LYS B 169 8.30 17.99 10.73
CA LYS B 169 9.29 17.03 10.27
C LYS B 169 8.61 15.66 10.21
N ILE B 170 9.35 14.64 9.79
CA ILE B 170 8.76 13.32 9.66
C ILE B 170 9.84 12.23 9.69
N ARG B 171 9.71 11.29 10.63
CA ARG B 171 10.72 10.26 10.83
C ARG B 171 10.11 8.87 10.82
N GLN B 172 10.96 7.84 10.78
CA GLN B 172 10.51 6.46 10.87
C GLN B 172 11.42 5.68 11.80
N LEU B 173 10.85 4.71 12.50
CA LEU B 173 11.64 3.89 13.42
C LEU B 173 11.87 2.50 12.83
N PRO B 174 13.06 1.93 13.08
CA PRO B 174 13.48 0.64 12.50
C PRO B 174 12.75 -0.56 13.11
N ASP B 176 13.86 -3.18 15.28
CA ASP B 176 14.02 -3.32 16.72
C ASP B 176 13.26 -2.24 17.47
N THR B 177 12.64 -2.62 18.59
CA THR B 177 11.91 -1.67 19.41
C THR B 177 12.90 -0.75 20.12
N LYS B 178 13.93 -1.34 20.73
CA LYS B 178 14.90 -0.59 21.52
C LYS B 178 15.87 0.21 20.66
N ASP B 179 15.72 0.11 19.35
CA ASP B 179 16.56 0.89 18.44
C ASP B 179 15.93 2.27 18.24
N ALA B 180 15.02 2.63 19.13
CA ALA B 180 14.33 3.91 19.05
C ALA B 180 15.10 5.01 19.78
N LYS B 181 16.17 4.61 20.46
CA LYS B 181 16.97 5.56 21.24
C LYS B 181 17.70 6.57 20.36
N PRO B 182 18.37 6.11 19.29
CA PRO B 182 19.01 7.04 18.36
C PRO B 182 18.02 8.04 17.76
N LEU B 183 16.82 7.57 17.45
CA LEU B 183 15.77 8.44 16.91
C LEU B 183 15.40 9.49 17.95
N LEU B 184 15.41 9.08 19.21
CA LEU B 184 15.08 9.97 20.33
C LEU B 184 16.20 10.97 20.57
N LYS B 185 17.44 10.59 20.25
CA LYS B 185 18.57 11.48 20.40
C LYS B 185 18.45 12.63 19.41
N GLU B 186 17.93 12.34 18.23
CA GLU B 186 17.84 13.32 17.16
C GLU B 186 16.72 14.31 17.43
N MET B 187 15.67 13.84 18.11
CA MET B 187 14.55 14.71 18.44
C MET B 187 14.90 15.57 19.64
N LYS B 188 15.48 14.96 20.66
CA LYS B 188 15.94 15.69 21.82
C LYS B 188 16.88 16.79 21.37
N ARG B 189 17.78 16.42 20.46
CA ARG B 189 18.81 17.34 19.97
C ARG B 189 18.22 18.39 19.06
N GLY B 190 17.14 18.05 18.37
CA GLY B 190 16.49 18.96 17.44
C GLY B 190 15.39 19.77 18.10
N LYS B 191 15.26 19.62 19.43
CA LYS B 191 14.26 20.34 20.19
C LYS B 191 12.85 20.09 19.66
N GLU B 192 12.57 18.82 19.32
CA GLU B 192 11.27 18.43 18.78
C GLU B 192 10.44 17.84 19.90
N PHE B 193 9.71 18.71 20.59
CA PHE B 193 8.95 18.32 21.77
C PHE B 193 7.52 17.91 21.42
N HIS B 194 6.95 18.55 20.42
CA HIS B 194 5.64 18.18 19.92
C HIS B 194 5.76 17.03 18.93
N VAL B 195 5.19 15.88 19.28
CA VAL B 195 5.40 14.66 18.52
C VAL B 195 4.12 13.84 18.34
N ILE B 196 3.86 13.38 17.12
CA ILE B 196 2.80 12.41 16.86
C ILE B 196 3.40 11.03 16.62
N PHE B 197 2.79 10.01 17.21
CA PHE B 197 3.27 8.64 17.06
C PHE B 197 2.25 7.77 16.32
N ASP B 198 2.68 7.18 15.22
CA ASP B 198 1.82 6.27 14.45
C ASP B 198 2.32 4.84 14.64
N CYS B 199 1.79 4.17 15.65
CA CYS B 199 2.14 2.78 15.92
C CYS B 199 1.11 2.11 16.81
N SER B 200 1.27 0.80 17.00
CA SER B 200 0.39 0.03 17.89
C SER B 200 0.64 0.40 19.34
N HIS B 201 -0.37 0.22 20.19
CA HIS B 201 -0.24 0.55 21.61
C HIS B 201 0.89 -0.23 22.28
N GLU B 202 1.31 -1.34 21.67
CA GLU B 202 2.42 -2.12 22.20
C GLU B 202 3.75 -1.45 21.88
N MET B 203 3.89 -0.96 20.65
CA MET B 203 5.06 -0.20 20.24
C MET B 203 5.18 1.06 21.08
N ALA B 204 4.04 1.69 21.33
CA ALA B 204 3.99 2.93 22.09
C ALA B 204 4.50 2.73 23.51
N ALA B 205 3.90 1.79 24.23
CA ALA B 205 4.32 1.49 25.60
C ALA B 205 5.83 1.22 25.65
N GLY B 206 6.36 0.70 24.54
CA GLY B 206 7.77 0.36 24.46
C GLY B 206 8.67 1.56 24.27
N ILE B 207 8.22 2.54 23.48
CA ILE B 207 9.03 3.73 23.23
C ILE B 207 8.95 4.70 24.39
N LEU B 208 7.82 4.72 25.10
CA LEU B 208 7.66 5.58 26.27
C LEU B 208 8.61 5.16 27.38
N LYS B 209 8.84 3.86 27.49
CA LYS B 209 9.73 3.31 28.50
C LYS B 209 11.17 3.76 28.24
N GLN B 210 11.49 4.04 26.98
CA GLN B 210 12.83 4.45 26.58
C GLN B 210 12.96 5.97 26.64
N ALA B 211 11.91 6.66 26.25
CA ALA B 211 11.87 8.12 26.33
C ALA B 211 12.01 8.54 27.77
N LEU B 212 11.57 7.66 28.67
CA LEU B 212 11.67 7.90 30.10
C LEU B 212 13.13 7.82 30.57
N ASN B 213 13.84 6.81 30.08
CA ASN B 213 15.26 6.64 30.42
C ASN B 213 16.09 7.81 29.91
N MET B 214 15.60 8.47 28.87
CA MET B 214 16.31 9.60 28.29
C MET B 214 15.76 10.93 28.79
N SER B 215 15.35 10.95 30.05
CA SER B 215 14.79 12.15 30.68
C SER B 215 14.01 12.95 29.65
N MET B 216 13.13 12.27 28.93
CA MET B 216 12.37 12.88 27.85
C MET B 216 10.89 12.93 28.22
N MET B 217 10.60 12.75 29.51
CA MET B 217 9.23 12.73 29.99
C MET B 217 8.93 13.96 30.85
N THR B 218 9.60 15.06 30.55
CA THR B 218 9.39 16.32 31.27
C THR B 218 8.12 17.01 30.78
N GLU B 219 7.88 18.23 31.29
CA GLU B 219 6.69 18.98 30.92
C GLU B 219 6.87 19.72 29.60
N TYR B 220 8.11 19.73 29.08
CA TYR B 220 8.39 20.35 27.79
C TYR B 220 7.78 19.54 26.65
N TYR B 221 7.71 18.23 26.82
CA TYR B 221 7.24 17.33 25.78
C TYR B 221 5.73 17.12 25.82
N HIS B 222 5.13 16.98 24.63
CA HIS B 222 3.71 16.65 24.51
C HIS B 222 3.48 15.68 23.35
N TYR B 223 3.08 14.46 23.69
CA TYR B 223 2.91 13.40 22.69
C TYR B 223 1.43 13.16 22.36
N ILE B 224 1.15 13.00 21.07
CA ILE B 224 -0.15 12.55 20.61
C ILE B 224 0.02 11.16 20.00
N PHE B 225 -1.02 10.32 20.10
CA PHE B 225 -0.92 8.94 19.65
C PHE B 225 -2.03 8.57 18.67
N THR B 226 -1.68 7.78 17.66
CA THR B 226 -2.65 7.34 16.66
C THR B 226 -3.50 6.21 17.22
N THR B 227 -2.86 5.35 18.01
CA THR B 227 -3.52 4.18 18.57
C THR B 227 -4.78 4.60 19.33
N LEU B 228 -5.87 3.87 19.12
CA LEU B 228 -7.11 4.10 19.87
C LEU B 228 -7.09 3.33 21.19
N ASP B 229 -6.18 2.36 21.26
CA ASP B 229 -5.95 1.61 22.49
C ASP B 229 -4.92 2.30 23.36
N LEU B 230 -4.82 3.62 23.22
CA LEU B 230 -3.84 4.38 23.99
C LEU B 230 -4.03 4.16 25.47
N PHE B 231 -5.27 4.12 25.91
CA PHE B 231 -5.55 4.14 27.33
C PHE B 231 -5.89 2.75 27.87
N ALA B 232 -5.30 1.74 27.22
CA ALA B 232 -5.16 0.41 27.79
C ALA B 232 -3.68 0.26 28.16
N LEU B 233 -3.05 1.39 28.46
CA LEU B 233 -1.63 1.44 28.76
C LEU B 233 -1.39 1.76 30.22
N ASP B 234 -0.37 1.15 30.79
CA ASP B 234 0.06 1.45 32.15
C ASP B 234 0.80 2.78 32.16
N VAL B 235 0.06 3.87 32.35
CA VAL B 235 0.64 5.20 32.35
C VAL B 235 1.03 5.62 33.77
N GLU B 236 1.23 4.63 34.63
CA GLU B 236 1.55 4.89 36.03
C GLU B 236 2.90 5.62 36.18
N PRO B 237 3.92 5.16 35.45
CA PRO B 237 5.27 5.72 35.56
C PRO B 237 5.42 7.17 35.06
N TYR B 238 4.43 7.68 34.34
CA TYR B 238 4.51 9.02 33.76
C TYR B 238 3.42 9.94 34.31
N ARG B 239 2.84 9.56 35.45
CA ARG B 239 1.75 10.32 36.05
C ARG B 239 2.18 11.72 36.45
N TYR B 240 3.24 11.79 37.26
CA TYR B 240 3.69 13.07 37.79
C TYR B 240 5.02 13.52 37.19
N SER B 241 5.35 12.97 36.03
CA SER B 241 6.57 13.36 35.33
C SER B 241 6.39 14.74 34.72
N GLY B 242 5.15 15.16 34.56
CA GLY B 242 4.84 16.47 34.02
C GLY B 242 4.56 16.45 32.52
N VAL B 243 4.85 15.32 31.87
CA VAL B 243 4.65 15.19 30.43
C VAL B 243 3.18 15.16 30.07
N ASN B 244 2.84 15.78 28.96
CA ASN B 244 1.47 15.74 28.45
C ASN B 244 1.35 14.61 27.43
N MET B 245 0.18 13.98 27.37
CA MET B 245 -0.08 12.93 26.40
C MET B 245 -1.55 12.96 26.03
N THR B 246 -1.85 12.78 24.75
CA THR B 246 -3.23 12.86 24.27
C THR B 246 -3.48 11.82 23.18
N GLY B 247 -4.74 11.45 23.01
CA GLY B 247 -5.13 10.48 22.01
C GLY B 247 -6.63 10.46 21.85
N PHE B 248 -7.16 9.47 21.15
CA PHE B 248 -8.59 9.33 21.00
C PHE B 248 -9.06 7.98 21.50
N ARG B 249 -10.37 7.84 21.64
CA ARG B 249 -10.97 6.59 22.08
C ARG B 249 -12.36 6.44 21.48
N ILE B 250 -12.53 5.41 20.65
CA ILE B 250 -13.85 5.16 20.06
C ILE B 250 -14.61 4.14 20.89
N LEU B 251 -13.88 3.33 21.66
CA LEU B 251 -14.49 2.39 22.59
C LEU B 251 -15.09 3.12 23.79
N ASN B 252 -16.42 3.10 23.90
CA ASN B 252 -17.12 3.85 24.94
C ASN B 252 -17.16 3.12 26.29
N THR B 253 -16.01 3.06 26.95
CA THR B 253 -15.90 2.38 28.24
C THR B 253 -16.62 3.17 29.32
N GLU B 254 -17.01 4.40 28.99
CA GLU B 254 -17.77 5.23 29.90
C GLU B 254 -19.14 4.61 30.15
N ASN B 255 -19.73 4.03 29.10
CA ASN B 255 -21.02 3.36 29.20
C ASN B 255 -20.87 2.02 29.92
N THR B 256 -21.70 1.79 30.94
CA THR B 256 -21.56 0.62 31.80
C THR B 256 -21.96 -0.68 31.11
N GLN B 257 -22.91 -0.61 30.20
CA GLN B 257 -23.22 -1.75 29.36
C GLN B 257 -21.95 -2.25 28.69
N VAL B 258 -21.18 -1.33 28.11
CA VAL B 258 -19.91 -1.67 27.48
C VAL B 258 -18.89 -2.17 28.50
N SER B 259 -18.98 -1.66 29.73
CA SER B 259 -18.05 -2.05 30.79
C SER B 259 -18.27 -3.47 31.28
N SER B 260 -19.53 -3.92 31.27
CA SER B 260 -19.86 -5.25 31.74
C SER B 260 -19.58 -6.30 30.66
N ILE B 261 -19.77 -5.94 29.40
CA ILE B 261 -19.42 -6.84 28.30
C ILE B 261 -17.91 -7.06 28.30
N ILE B 262 -17.16 -5.97 28.45
CA ILE B 262 -15.70 -6.03 28.48
C ILE B 262 -15.24 -6.90 29.64
N GLU B 263 -16.05 -6.93 30.69
CA GLU B 263 -15.72 -7.70 31.89
C GLU B 263 -15.86 -9.20 31.65
N LYS B 264 -17.05 -9.64 31.25
CA LYS B 264 -17.29 -11.07 31.01
C LYS B 264 -16.45 -11.58 29.85
N TRP B 265 -15.85 -10.66 29.10
CA TRP B 265 -14.93 -11.02 28.02
C TRP B 265 -13.55 -11.29 28.61
N SER B 266 -13.14 -10.42 29.53
CA SER B 266 -11.83 -10.55 30.16
C SER B 266 -11.82 -11.67 31.19
N MET B 267 -12.97 -12.27 31.40
CA MET B 267 -13.10 -13.37 32.37
C MET B 267 -12.76 -14.71 31.73
N GLU B 268 -12.59 -14.71 30.42
CA GLU B 268 -12.44 -15.94 29.68
C GLU B 268 -10.98 -16.31 29.39
N ARG B 269 -10.21 -15.37 28.86
CA ARG B 269 -8.84 -15.67 28.50
C ARG B 269 -7.93 -15.78 29.71
N PRO B 276 2.90 -10.38 31.91
CA PRO B 276 4.26 -9.94 31.55
C PRO B 276 4.45 -8.45 31.78
N ASP B 277 5.69 -8.03 32.02
CA ASP B 277 5.99 -6.62 32.23
C ASP B 277 6.27 -5.93 30.90
N SER B 278 5.23 -5.68 30.13
CA SER B 278 5.38 -5.09 28.81
C SER B 278 4.97 -3.62 28.79
N GLY B 279 4.30 -3.18 29.86
CA GLY B 279 3.82 -1.81 29.93
C GLY B 279 2.33 -1.71 29.64
N LEU B 280 1.73 -2.84 29.27
CA LEU B 280 0.29 -2.88 29.00
C LEU B 280 -0.47 -3.31 30.26
N LEU B 281 -1.75 -2.98 30.31
CA LEU B 281 -2.61 -3.39 31.42
C LEU B 281 -3.34 -4.69 31.09
N ASP B 282 -3.37 -5.60 32.06
CA ASP B 282 -3.96 -6.91 31.86
C ASP B 282 -5.48 -6.87 32.04
N GLY B 283 -6.19 -7.61 31.20
CA GLY B 283 -7.64 -7.71 31.31
C GLY B 283 -8.38 -6.67 30.50
N PHE B 284 -7.74 -6.19 29.43
CA PHE B 284 -8.32 -5.16 28.59
C PHE B 284 -8.76 -5.72 27.26
N MET B 285 -9.75 -5.06 26.65
CA MET B 285 -10.24 -5.45 25.35
C MET B 285 -9.82 -4.41 24.31
N THR B 286 -9.03 -4.82 23.34
CA THR B 286 -8.59 -3.91 22.28
C THR B 286 -9.77 -3.45 21.43
N THR B 287 -9.52 -2.45 20.57
CA THR B 287 -10.56 -1.95 19.68
C THR B 287 -10.72 -2.91 18.50
N ASP B 288 -9.70 -3.74 18.28
CA ASP B 288 -9.76 -4.75 17.23
C ASP B 288 -10.72 -5.86 17.65
N ALA B 289 -10.65 -6.24 18.92
CA ALA B 289 -11.54 -7.24 19.47
C ALA B 289 -12.95 -6.65 19.62
N ALA B 290 -13.03 -5.39 20.02
CA ALA B 290 -14.32 -4.73 20.21
C ALA B 290 -15.02 -4.53 18.86
N LEU B 291 -14.24 -4.38 17.80
CA LEU B 291 -14.78 -4.15 16.46
C LEU B 291 -15.26 -5.45 15.82
N MET B 292 -14.63 -6.55 16.19
CA MET B 292 -15.06 -7.87 15.72
C MET B 292 -16.38 -8.25 16.39
N TYR B 293 -16.47 -7.99 17.69
CA TYR B 293 -17.68 -8.23 18.46
C TYR B 293 -18.84 -7.42 17.89
N ASP B 294 -18.57 -6.16 17.56
CA ASP B 294 -19.59 -5.29 17.00
C ASP B 294 -19.97 -5.73 15.59
N ALA B 295 -19.00 -6.23 14.84
CA ALA B 295 -19.26 -6.68 13.48
C ALA B 295 -20.30 -7.79 13.49
N VAL B 296 -20.08 -8.79 14.33
CA VAL B 296 -21.01 -9.91 14.46
C VAL B 296 -22.42 -9.42 14.76
N HIS B 297 -22.54 -8.38 15.57
CA HIS B 297 -23.85 -7.84 15.95
C HIS B 297 -24.47 -7.01 14.82
N VAL B 298 -23.63 -6.30 14.06
CA VAL B 298 -24.11 -5.41 13.01
C VAL B 298 -24.61 -6.23 11.82
N VAL B 299 -24.04 -7.41 11.65
CA VAL B 299 -24.44 -8.30 10.56
C VAL B 299 -25.59 -9.18 11.04
N SER B 300 -25.75 -9.30 12.35
CA SER B 300 -26.84 -10.08 12.92
C SER B 300 -28.14 -9.29 12.84
N VAL B 301 -28.04 -7.96 12.87
CA VAL B 301 -29.22 -7.11 12.75
C VAL B 301 -29.64 -7.00 11.30
N ALA B 302 -28.72 -7.29 10.38
CA ALA B 302 -29.01 -7.28 8.96
C ALA B 302 -29.77 -8.55 8.58
N VAL B 303 -29.30 -9.69 9.08
CA VAL B 303 -29.97 -10.97 8.86
C VAL B 303 -31.27 -11.02 9.65
N GLN B 304 -31.36 -10.19 10.68
CA GLN B 304 -32.58 -10.08 11.48
C GLN B 304 -33.70 -9.50 10.64
N GLN B 305 -33.34 -8.59 9.75
CA GLN B 305 -34.31 -7.94 8.86
C GLN B 305 -34.44 -8.69 7.55
N PHE B 306 -33.99 -9.95 7.54
CA PHE B 306 -34.02 -10.77 6.35
C PHE B 306 -34.22 -12.23 6.74
N PRO B 307 -35.41 -12.57 7.26
CA PRO B 307 -35.73 -13.91 7.74
C PRO B 307 -35.68 -14.99 6.66
N GLN B 308 -35.71 -14.56 5.39
CA GLN B 308 -35.70 -15.51 4.27
C GLN B 308 -34.27 -15.81 3.80
N MET B 309 -33.36 -15.94 4.76
CA MET B 309 -31.95 -16.16 4.46
C MET B 309 -31.59 -17.64 4.57
N THR B 310 -30.78 -18.11 3.62
CA THR B 310 -30.34 -19.49 3.62
C THR B 310 -29.00 -19.63 2.91
N VAL B 311 -27.96 -19.99 3.68
CA VAL B 311 -26.62 -20.15 3.13
C VAL B 311 -26.62 -21.12 1.95
N SER B 312 -25.54 -21.10 1.18
CA SER B 312 -25.43 -21.96 0.00
C SER B 312 -23.98 -22.37 -0.25
N SER B 313 -23.81 -23.57 -0.79
CA SER B 313 -22.48 -24.05 -1.15
C SER B 313 -22.07 -23.51 -2.51
N LEU B 314 -21.05 -22.66 -2.52
CA LEU B 314 -20.59 -22.03 -3.73
C LEU B 314 -19.13 -22.42 -3.98
N GLN B 315 -18.81 -22.73 -5.23
CA GLN B 315 -17.46 -23.14 -5.60
C GLN B 315 -16.70 -22.02 -6.29
N CYS B 316 -15.39 -21.96 -6.04
CA CYS B 316 -14.53 -20.94 -6.65
C CYS B 316 -14.25 -21.25 -8.11
N ASN B 317 -13.88 -22.49 -8.38
CA ASN B 317 -13.64 -22.94 -9.75
C ASN B 317 -14.92 -22.88 -10.59
N ARG B 318 -16.05 -23.20 -9.96
CA ARG B 318 -17.35 -23.15 -10.63
C ARG B 318 -18.02 -21.81 -10.39
N HIS B 319 -17.81 -20.87 -11.31
CA HIS B 319 -18.41 -19.54 -11.21
C HIS B 319 -19.90 -19.66 -10.86
N LYS B 320 -20.30 -19.00 -9.78
CA LYS B 320 -21.69 -18.96 -9.38
C LYS B 320 -21.90 -17.95 -8.27
N PRO B 321 -22.49 -16.79 -8.58
CA PRO B 321 -22.77 -15.78 -7.56
C PRO B 321 -23.65 -16.32 -6.44
N TRP B 322 -23.67 -15.61 -5.31
CA TRP B 322 -24.47 -16.01 -4.16
C TRP B 322 -25.86 -15.41 -4.30
N ARG B 323 -26.88 -16.22 -4.00
CA ARG B 323 -28.26 -15.86 -4.28
C ARG B 323 -28.70 -14.55 -3.64
N PHE B 324 -28.69 -14.52 -2.30
CA PHE B 324 -29.18 -13.36 -1.57
C PHE B 324 -28.05 -12.39 -1.23
N GLY B 325 -27.14 -12.18 -2.18
CA GLY B 325 -25.97 -11.36 -1.95
C GLY B 325 -26.23 -9.88 -1.99
N THR B 326 -26.62 -9.39 -3.15
CA THR B 326 -26.91 -7.97 -3.31
C THR B 326 -27.92 -7.48 -2.27
N ARG B 327 -28.85 -8.35 -1.88
CA ARG B 327 -29.86 -7.99 -0.89
C ARG B 327 -29.27 -7.90 0.51
N PHE B 328 -28.51 -8.92 0.89
CA PHE B 328 -27.90 -8.97 2.21
C PHE B 328 -26.92 -7.83 2.40
N MET B 329 -25.99 -7.70 1.46
CA MET B 329 -24.98 -6.65 1.48
C MET B 329 -25.63 -5.27 1.58
N SER B 330 -26.83 -5.15 1.03
CA SER B 330 -27.55 -3.87 1.07
C SER B 330 -28.11 -3.61 2.46
N LEU B 331 -28.53 -4.66 3.14
CA LEU B 331 -29.07 -4.54 4.50
C LEU B 331 -27.97 -4.27 5.51
N ILE B 332 -26.75 -4.64 5.15
CA ILE B 332 -25.60 -4.46 6.03
C ILE B 332 -25.03 -3.04 5.92
N LYS B 333 -24.95 -2.52 4.71
CA LYS B 333 -24.42 -1.19 4.48
C LYS B 333 -25.38 -0.11 4.97
N GLU B 334 -26.60 -0.52 5.29
CA GLU B 334 -27.63 0.41 5.76
C GLU B 334 -27.87 0.27 7.26
N ALA B 335 -27.27 -0.75 7.86
CA ALA B 335 -27.52 -1.07 9.27
C ALA B 335 -26.92 -0.03 10.22
N HIS B 336 -27.75 0.44 11.16
CA HIS B 336 -27.31 1.34 12.21
C HIS B 336 -27.40 0.61 13.55
N TRP B 337 -26.27 0.52 14.26
CA TRP B 337 -26.19 -0.28 15.48
C TRP B 337 -25.34 0.37 16.56
N GLU B 338 -25.93 0.54 17.74
CA GLU B 338 -25.21 1.04 18.90
C GLU B 338 -24.41 -0.08 19.55
N GLY B 339 -23.09 -0.04 19.37
CA GLY B 339 -22.22 -1.08 19.87
C GLY B 339 -21.19 -0.57 20.85
N LEU B 340 -20.17 -1.39 21.11
CA LEU B 340 -19.12 -1.05 22.05
C LEU B 340 -18.37 0.19 21.59
N THR B 341 -18.34 0.42 20.28
CA THR B 341 -17.58 1.53 19.72
C THR B 341 -18.46 2.72 19.36
N GLY B 342 -19.68 2.73 19.88
CA GLY B 342 -20.60 3.82 19.65
C GLY B 342 -21.48 3.58 18.44
N ARG B 343 -22.12 4.63 17.96
CA ARG B 343 -23.00 4.53 16.80
C ARG B 343 -22.21 4.08 15.58
N ILE B 344 -22.70 3.03 14.93
CA ILE B 344 -22.03 2.44 13.78
C ILE B 344 -22.84 2.62 12.50
N THR B 345 -22.32 3.40 11.56
CA THR B 345 -22.98 3.63 10.28
C THR B 345 -21.94 3.73 9.17
N PHE B 346 -22.35 3.39 7.95
CA PHE B 346 -21.41 3.32 6.84
C PHE B 346 -21.64 4.38 5.77
N ASN B 347 -20.54 4.89 5.22
CA ASN B 347 -20.60 5.81 4.10
C ASN B 347 -21.19 5.07 2.91
N LYS B 348 -22.36 5.50 2.46
CA LYS B 348 -23.07 4.81 1.39
C LYS B 348 -22.20 4.56 0.16
N THR B 349 -21.22 5.43 -0.05
CA THR B 349 -20.36 5.31 -1.23
C THR B 349 -19.27 4.27 -1.04
N ASN B 350 -18.51 4.38 0.05
CA ASN B 350 -17.33 3.55 0.26
C ASN B 350 -17.60 2.36 1.17
N GLY B 351 -18.84 2.21 1.60
CA GLY B 351 -19.17 1.24 2.63
C GLY B 351 -18.16 1.30 3.75
N LEU B 352 -17.62 2.49 3.98
CA LEU B 352 -16.55 2.69 4.95
C LEU B 352 -17.04 3.62 6.05
N ARG B 353 -16.77 3.25 7.30
CA ARG B 353 -17.28 3.99 8.45
C ARG B 353 -16.62 5.36 8.61
N THR B 354 -17.16 6.36 7.91
CA THR B 354 -16.57 7.70 7.91
C THR B 354 -17.17 8.59 8.98
N ASP B 355 -18.29 8.16 9.55
CA ASP B 355 -18.96 8.94 10.59
C ASP B 355 -18.98 8.14 11.89
N PHE B 356 -18.34 8.68 12.92
CA PHE B 356 -18.27 8.02 14.21
C PHE B 356 -17.94 9.03 15.30
N ASP B 357 -18.16 8.65 16.55
CA ASP B 357 -17.87 9.52 17.68
C ASP B 357 -16.58 9.10 18.38
N LEU B 358 -15.75 10.09 18.69
CA LEU B 358 -14.53 9.86 19.44
C LEU B 358 -14.56 10.62 20.76
N ASP B 359 -13.74 10.19 21.71
CA ASP B 359 -13.58 10.87 22.98
C ASP B 359 -12.11 11.20 23.14
N VAL B 360 -11.76 12.46 22.97
CA VAL B 360 -10.38 12.87 23.17
C VAL B 360 -10.05 12.73 24.66
N ILE B 361 -8.90 12.12 24.95
CA ILE B 361 -8.47 11.87 26.32
C ILE B 361 -7.01 12.29 26.51
N SER B 362 -6.66 12.73 27.71
CA SER B 362 -5.31 13.18 27.99
C SER B 362 -4.84 12.68 29.36
N LEU B 363 -3.53 12.50 29.51
CA LEU B 363 -2.96 12.10 30.79
C LEU B 363 -2.94 13.25 31.78
N LYS B 364 -3.47 13.00 32.97
CA LYS B 364 -3.45 13.97 34.06
C LYS B 364 -2.67 13.39 35.23
N GLU B 365 -2.73 14.04 36.38
CA GLU B 365 -2.07 13.54 37.57
C GLU B 365 -2.88 12.43 38.19
N GLU B 366 -4.11 12.25 37.70
CA GLU B 366 -4.96 11.16 38.15
C GLU B 366 -4.95 10.01 37.15
N GLY B 367 -4.33 10.25 36.00
CA GLY B 367 -4.28 9.26 34.93
C GLY B 367 -5.04 9.75 33.72
N LEU B 368 -5.07 8.92 32.66
CA LEU B 368 -5.78 9.30 31.43
C LEU B 368 -7.26 9.53 31.72
N GLU B 369 -7.85 10.53 31.07
CA GLU B 369 -9.25 10.87 31.30
C GLU B 369 -9.82 11.73 30.17
N LYS B 370 -11.11 11.58 29.91
CA LYS B 370 -11.77 12.32 28.83
C LYS B 370 -11.73 13.82 29.09
N ILE B 371 -11.10 14.54 28.17
CA ILE B 371 -11.04 15.99 28.24
C ILE B 371 -11.94 16.63 27.18
N GLY B 372 -12.66 15.80 26.44
CA GLY B 372 -13.55 16.30 25.39
C GLY B 372 -13.95 15.22 24.39
N THR B 373 -14.66 15.64 23.35
CA THR B 373 -15.12 14.73 22.31
C THR B 373 -14.78 15.26 20.93
N TRP B 374 -14.92 14.40 19.92
CA TRP B 374 -14.71 14.80 18.54
C TRP B 374 -15.63 13.99 17.62
N ASP B 375 -15.78 14.46 16.39
CA ASP B 375 -16.52 13.73 15.36
C ASP B 375 -16.48 14.53 14.07
N PRO B 376 -16.52 13.86 12.92
CA PRO B 376 -16.37 14.55 11.64
C PRO B 376 -17.36 15.70 11.50
N ALA B 377 -18.52 15.58 12.12
CA ALA B 377 -19.56 16.59 12.00
C ALA B 377 -19.30 17.80 12.90
N SER B 378 -19.58 17.63 14.19
CA SER B 378 -19.47 18.73 15.15
C SER B 378 -18.09 19.36 15.16
N GLY B 379 -17.07 18.54 14.94
CA GLY B 379 -15.69 19.01 14.99
C GLY B 379 -15.03 18.64 16.30
N LEU B 380 -14.67 19.65 17.07
CA LEU B 380 -13.94 19.43 18.31
C LEU B 380 -14.62 20.16 19.47
N ASN B 381 -15.17 19.39 20.40
CA ASN B 381 -15.84 19.95 21.56
C ASN B 381 -15.04 19.67 22.83
N MET B 382 -14.50 20.72 23.45
CA MET B 382 -13.66 20.54 24.63
C MET B 382 -14.38 20.96 25.92
N THR B 383 -14.46 20.03 26.86
CA THR B 383 -14.99 20.35 28.19
C THR B 383 -13.93 21.11 28.97
N GLU B 384 -13.91 22.43 28.79
CA GLU B 384 -12.89 23.27 29.41
C GLU B 384 -12.99 23.22 30.93
C1 NAG C . -6.59 28.71 -21.75
C2 NAG C . -6.87 29.51 -23.02
C3 NAG C . -8.24 30.17 -23.08
C4 NAG C . -9.32 29.24 -22.54
C5 NAG C . -8.88 28.69 -21.19
C6 NAG C . -9.98 27.85 -20.55
C7 NAG C . -4.87 30.43 -24.03
C8 NAG C . -4.61 31.60 -24.92
N2 NAG C . -5.86 30.54 -23.16
O3 NAG C . -8.56 30.48 -24.41
O4 NAG C . -10.52 29.96 -22.37
O5 NAG C . -7.70 27.93 -21.37
O6 NAG C . -9.50 27.29 -19.35
O7 NAG C . -4.18 29.41 -24.12
H2 NAG C . -6.77 28.83 -23.87
H3 NAG C . -8.22 31.07 -22.49
H4 NAG C . -9.48 28.44 -23.24
H5 NAG C . -8.67 29.54 -20.53
H61 NAG C . -10.29 27.07 -21.25
H62 NAG C . -10.84 28.48 -20.34
H81 NAG C . -4.73 31.31 -25.96
H82 NAG C . -3.60 31.97 -24.75
H83 NAG C . -5.32 32.40 -24.69
HN2 NAG C . -6.00 31.41 -22.66
HO3 NAG C . -7.82 30.22 -24.99
HO4 NAG C . -10.39 30.89 -22.65
HO6 NAG C . -8.56 27.57 -19.21
C1 NAG D . 20.13 -4.26 -0.31
C2 NAG D . 20.76 -2.94 -0.73
C3 NAG D . 21.18 -2.09 0.46
C4 NAG D . 20.06 -2.02 1.49
C5 NAG D . 19.62 -3.43 1.85
C6 NAG D . 18.55 -3.41 2.93
C7 NAG D . 22.41 -2.30 -2.42
C8 NAG D . 23.88 -2.40 -2.73
N2 NAG D . 21.93 -3.20 -1.57
O3 NAG D . 21.52 -0.79 0.07
O4 NAG D . 20.51 -1.37 2.65
O5 NAG D . 19.14 -4.08 0.69
O6 NAG D . 17.37 -2.80 2.44
O7 NAG D . 21.72 -1.43 -2.95
H2 NAG D . 20.04 -2.37 -1.32
H3 NAG D . 22.05 -2.56 0.93
H4 NAG D . 19.23 -1.47 1.05
H5 NAG D . 20.48 -3.97 2.23
H61 NAG D . 18.93 -2.86 3.80
H62 NAG D . 18.33 -4.42 3.25
H81 NAG D . 24.37 -1.47 -2.43
H82 NAG D . 24.02 -2.57 -3.79
H83 NAG D . 24.31 -3.23 -2.17
HN2 NAG D . 22.36 -4.11 -1.49
HO3 NAG D . 21.41 -0.71 -0.91
HO4 NAG D . 21.45 -1.10 2.53
HO6 NAG D . 17.50 -2.53 1.51
C1 NAG E . 18.85 4.05 31.50
C2 NAG E . 19.02 3.82 33.00
C3 NAG E . 20.47 3.55 33.41
C4 NAG E . 21.10 2.52 32.47
C5 NAG E . 20.91 2.97 31.04
C6 NAG E . 21.59 2.01 30.06
C7 NAG E . 17.94 4.80 34.92
C8 NAG E . 18.19 5.84 35.97
N2 NAG E . 18.54 4.96 33.75
O3 NAG E . 20.53 3.07 34.73
O4 NAG E . 22.47 2.40 32.76
O5 NAG E . 19.52 3.06 30.75
O6 NAG E . 21.02 0.73 30.14
O7 NAG E . 17.20 3.85 35.17
H2 NAG E . 18.44 2.94 33.28
H3 NAG E . 21.03 4.49 33.33
H4 NAG E . 20.61 1.57 32.64
H5 NAG E . 21.35 3.95 30.91
H61 NAG E . 22.66 1.95 30.30
H62 NAG E . 21.49 2.39 29.05
H81 NAG E . 18.65 5.36 36.85
H82 NAG E . 17.26 6.31 36.26
H83 NAG E . 18.88 6.59 35.57
HN2 NAG E . 18.79 5.88 33.44
HO3 NAG E . 19.62 3.03 35.10
HO4 NAG E . 22.71 3.01 33.49
HO6 NAG E . 20.30 0.73 30.81
C1 NAG F . 0.95 20.38 29.36
C2 NAG F . 1.41 21.61 28.57
C3 NAG F . 1.53 22.85 29.45
C4 NAG F . 0.35 23.00 30.39
C5 NAG F . 0.13 21.71 31.18
C6 NAG F . -1.09 21.80 32.10
C7 NAG F . 3.08 21.90 26.83
C8 NAG F . 3.20 21.01 25.64
N2 NAG F . 2.70 21.34 27.97
O3 NAG F . 1.60 24.00 28.63
O4 NAG F . 0.59 24.07 31.27
O5 NAG F . -0.09 20.64 30.29
O6 NAG F . -0.88 22.73 33.14
O7 NAG F . 3.32 23.10 26.74
H2 NAG F . 0.69 21.80 27.78
H3 NAG F . 2.45 22.78 30.04
H4 NAG F . -0.54 23.21 29.79
H5 NAG F . 1.01 21.53 31.79
H61 NAG F . -1.29 20.82 32.51
H62 NAG F . -1.96 22.11 31.51
H81 NAG F . 4.23 21.03 25.26
H82 NAG F . 2.52 21.34 24.85
H83 NAG F . 2.95 19.98 25.92
HN2 NAG F . 3.32 20.69 28.43
HO3 NAG F . 1.56 23.73 27.69
HO4 NAG F . 1.47 24.47 31.07
HO6 NAG F . 0.02 23.11 33.06
C1 NAG G . -18.23 9.56 2.25
C2 NAG G . -18.82 10.82 2.91
C3 NAG G . -18.52 12.11 2.14
C4 NAG G . -17.07 12.16 1.69
C5 NAG G . -16.76 10.89 0.90
C6 NAG G . -15.33 10.90 0.39
C7 NAG G . -20.93 11.48 3.92
C8 NAG G . -21.85 12.50 3.31
N2 NAG G . -20.26 10.69 3.08
O3 NAG G . -18.81 13.23 2.95
O4 NAG G . -16.85 13.27 0.88
O5 NAG G . -16.93 9.77 1.74
O6 NAG G . -15.11 9.69 -0.30
O7 NAG G . -20.82 11.40 5.14
H2 NAG G . -18.37 10.93 3.90
H3 NAG G . -19.15 12.13 1.26
H4 NAG G . -16.44 12.22 2.58
H5 NAG G . -17.44 10.85 0.05
H61 NAG G . -14.65 11.02 1.23
H62 NAG G . -15.19 11.73 -0.28
H81 NAG G . -21.54 13.50 3.61
H82 NAG G . -22.87 12.33 3.65
H83 NAG G . -21.81 12.42 2.21
HN2 NAG G . -20.76 10.05 2.47
HO3 NAG G . -19.12 12.94 3.82
HO4 NAG G . -17.69 13.78 0.78
HO6 NAG G . -15.92 9.14 -0.29
C1 NAG H . -20.18 20.56 23.60
C2 NAG H . -21.39 20.39 22.68
C3 NAG H . -22.70 20.17 23.44
C4 NAG H . -22.52 19.21 24.62
C5 NAG H . -21.32 19.64 25.43
C6 NAG H . -21.15 18.77 26.67
C7 NAG H . -21.71 21.43 20.52
C8 NAG H . -23.14 21.38 20.05
N2 NAG H . -21.53 21.55 21.83
O3 NAG H . -23.67 19.62 22.57
O4 NAG H . -23.68 19.25 25.41
O5 NAG H . -20.17 19.57 24.62
O6 NAG H . -20.09 19.30 27.45
O7 NAG H . -20.79 21.37 19.71
H2 NAG H . -21.24 19.51 22.06
H3 NAG H . -23.05 21.13 23.81
H4 NAG H . -22.38 18.21 24.22
H5 NAG H . -21.47 20.68 25.76
H61 NAG H . -20.94 17.75 26.36
H62 NAG H . -22.07 18.78 27.24
H81 NAG H . -23.31 20.44 19.53
H82 NAG H . -23.33 22.21 19.37
H83 NAG H . -23.80 21.45 20.90
HN2 NAG H . -21.48 22.47 22.25
HO3 NAG H . -23.28 19.51 21.68
HO4 NAG H . -24.33 19.87 25.03
HO6 NAG H . -19.73 20.10 27.01
#